data_6CWY
#
_entry.id   6CWY
#
_cell.length_a   56.055
_cell.length_b   116.046
_cell.length_c   174.143
_cell.angle_alpha   90.000
_cell.angle_beta   90.000
_cell.angle_gamma   90.000
#
_symmetry.space_group_name_H-M   'P 21 21 21'
#
loop_
_entity.id
_entity.type
_entity.pdbx_description
1 polymer 'SUMO-activating enzyme subunit 1'
2 polymer 'SUMO-activating enzyme subunit 2'
3 non-polymer GLYCEROL
4 non-polymer 'ZINC ION'
5 non-polymer 'MAGNESIUM ION'
6 non-polymer 'SULFATE ION'
7 non-polymer 'dimethyl (1S,2S,3R,4R)-1-[(1S)-2-(4-methylphenyl)-1-(phenylamino)ethyl]-7-oxabicyclo[2.2.1]hept-5-ene-2,3-dicarboxylate'
8 water water
#
loop_
_entity_poly.entity_id
_entity_poly.type
_entity_poly.pdbx_seq_one_letter_code
_entity_poly.pdbx_strand_id
1 'polypeptide(L)'
;MVEKEEAGGGISEEEAAQYDRQIRLWGLEAQKRLRASRVLLVGLKGLGAEIAKNLILAGVKGLTMLDHEQVTPEDPGAQF
LIRTGSVGRNRAEASLERAQNLNPMVDVKVDTEDIEKKPESFFTQFDAVCLTCCSRDVIVKVDQICHKNSIKFFTGDVFG
YHGYTFANLGEHEFVEEKTKVAKVSQGVEDGPDTKRAKLDSSETTMVKKKVVFCPVKEALEVDWSSEKAKAALKRTTSDY
FLLQVLLKFRTDKGRDPSSDTYEEDSELLLQIRNDVLDSLGISPDLLPEDFVRYCFSEMAPVCAVVGGILAQEIVKALSQ
RDPPHNNFFFFDGMKGNGIVECLGPK
;
C
2 'polypeptide(L)'
;MGSSHHHHHHSSGLVPRGSHMALSRGLPRELAEAVAGGRVLVVGAGGIGCELLKNLVLTGFSHIDLIDLDTIDVSNLNRQ
FLFQKKHVGRSKAQVAKESVLQFYPKANIVAYHDSIMNPDYNVEFFRQFILVMNALDNRAARNHVNRMCLAADVPLIESG
TAGYLGQVTTIKKGVTECYECHPKPTQRTFPGCTIRNTPSEPIHCIVWAKYLFNQLFGEEDADQEVSPDRADPEAAWEPT
EAEARARASNEDGDIKRISTKEWAKSTGYDPVKLFTKLFKDDIRYLLTMDKLWRKRKPPVPLDWAEVQSQGEETNASDQQ
NEPQLGLKDQQVLDVKSYARLFSKSIETLRVHLAEKGDGAELIWDKDDPSAMDFVTSAANLRMHIFSMNMKSRFDIKSMA
GNIIPAIATTNAVIAGLIVLEGLKILSGKIDQCRTIFLNKQPNPRKKLLVPCALDPPNPNCYVCASKPEVTVRLNVHKVT
VLTLQDKIVKEKFAMVAPDVQIEDGKGTILISSEEGETEANNHKKLSEFGIRNGSRLQADDFLQDYTLLINILHSEDLGK
DVEFEVVGDAPEKVGPKQAEDAAKSITNGSDDGAQPSTSTAQEQDDVLIVDSDEEDSSNNADVSEEERSRKRKLDEKENL
SAKRSRIEQKEELDDVIALD
;
D
#
loop_
_chem_comp.id
_chem_comp.type
_chem_comp.name
_chem_comp.formula
FHJ non-polymer 'dimethyl (1S,2S,3R,4R)-1-[(1S)-2-(4-methylphenyl)-1-(phenylamino)ethyl]-7-oxabicyclo[2.2.1]hept-5-ene-2,3-dicarboxylate' 'C25 H27 N O5'
GOL non-polymer GLYCEROL 'C3 H8 O3'
MG non-polymer 'MAGNESIUM ION' 'Mg 2'
SO4 non-polymer 'SULFATE ION' 'O4 S -2'
ZN non-polymer 'ZINC ION' 'Zn 2'
#
# COMPACT_ATOMS: atom_id res chain seq x y z
N ALA A 17 -27.00 -6.40 -28.04
CA ALA A 17 -26.05 -5.98 -27.01
C ALA A 17 -25.13 -4.87 -27.53
N GLN A 18 -25.70 -3.96 -28.33
CA GLN A 18 -24.92 -2.84 -28.84
C GLN A 18 -24.57 -1.88 -27.71
N TYR A 19 -25.46 -1.71 -26.74
CA TYR A 19 -25.19 -0.85 -25.60
C TYR A 19 -24.12 -1.43 -24.68
N ASP A 20 -23.83 -2.73 -24.80
CA ASP A 20 -22.81 -3.33 -23.95
C ASP A 20 -21.41 -2.86 -24.33
N ARG A 21 -21.13 -2.74 -25.64
CA ARG A 21 -19.84 -2.25 -26.08
C ARG A 21 -19.71 -0.74 -25.91
N GLN A 22 -20.82 0.00 -25.85
CA GLN A 22 -20.75 1.42 -25.58
C GLN A 22 -20.20 1.70 -24.18
N ILE A 23 -20.47 0.81 -23.22
CA ILE A 23 -19.94 0.96 -21.88
C ILE A 23 -18.48 0.54 -21.82
N ARG A 24 -18.12 -0.51 -22.56
CA ARG A 24 -16.75 -1.02 -22.51
C ARG A 24 -15.76 0.01 -23.03
N LEU A 25 -16.07 0.66 -24.15
CA LEU A 25 -15.17 1.68 -24.68
C LEU A 25 -15.12 2.90 -23.76
N TRP A 26 -16.21 3.17 -23.03
CA TRP A 26 -16.24 4.29 -22.11
C TRP A 26 -15.58 3.96 -20.78
N GLY A 27 -15.37 2.68 -20.48
CA GLY A 27 -14.68 2.28 -19.26
C GLY A 27 -13.17 2.37 -19.39
N LEU A 28 -12.64 1.96 -20.54
CA LEU A 28 -11.21 2.08 -20.79
C LEU A 28 -10.78 3.53 -20.97
N GLU A 29 -11.71 4.42 -21.30
CA GLU A 29 -11.43 5.85 -21.43
C GLU A 29 -11.33 6.55 -20.08
N ALA A 30 -11.47 5.83 -18.98
CA ALA A 30 -11.45 6.46 -17.66
C ALA A 30 -10.09 7.07 -17.36
N GLN A 31 -9.01 6.42 -17.79
CA GLN A 31 -7.68 6.95 -17.51
C GLN A 31 -7.42 8.22 -18.32
N LYS A 32 -7.88 8.27 -19.56
CA LYS A 32 -7.71 9.48 -20.37
C LYS A 32 -8.49 10.65 -19.78
N ARG A 33 -9.67 10.38 -19.22
CA ARG A 33 -10.42 11.44 -18.56
C ARG A 33 -9.70 11.96 -17.32
N LEU A 34 -8.99 11.08 -16.61
CA LEU A 34 -8.22 11.51 -15.45
C LEU A 34 -7.03 12.36 -15.88
N ARG A 35 -6.29 11.92 -16.90
CA ARG A 35 -5.14 12.67 -17.38
C ARG A 35 -5.52 14.00 -18.03
N ALA A 36 -6.80 14.23 -18.28
CA ALA A 36 -7.27 15.48 -18.87
C ALA A 36 -8.00 16.38 -17.89
N SER A 37 -8.12 15.96 -16.62
CA SER A 37 -8.86 16.73 -15.62
C SER A 37 -7.93 17.68 -14.88
N ARG A 38 -8.45 18.86 -14.57
CA ARG A 38 -7.74 19.86 -13.80
C ARG A 38 -8.45 20.04 -12.45
N VAL A 39 -7.67 20.09 -11.38
CA VAL A 39 -8.20 20.10 -10.02
C VAL A 39 -7.73 21.35 -9.30
N LEU A 40 -8.63 21.96 -8.53
CA LEU A 40 -8.29 23.06 -7.63
C LEU A 40 -8.19 22.51 -6.21
N LEU A 41 -7.09 22.83 -5.53
CA LEU A 41 -6.88 22.42 -4.15
C LEU A 41 -6.65 23.66 -3.31
N VAL A 42 -7.50 23.87 -2.31
CA VAL A 42 -7.43 25.03 -1.43
C VAL A 42 -6.95 24.57 -0.06
N GLY A 43 -5.92 25.24 0.46
CA GLY A 43 -5.36 24.88 1.74
C GLY A 43 -4.24 23.87 1.63
N LEU A 44 -3.00 24.33 1.82
CA LEU A 44 -1.85 23.44 1.70
C LEU A 44 -1.20 23.19 3.05
N LYS A 45 -1.99 22.75 4.02
CA LYS A 45 -1.44 22.33 5.30
C LYS A 45 -1.18 20.82 5.27
N GLY A 46 -1.33 20.15 6.42
CA GLY A 46 -1.01 18.74 6.47
C GLY A 46 -1.87 17.90 5.54
N LEU A 47 -3.18 18.14 5.55
CA LEU A 47 -4.08 17.33 4.73
C LEU A 47 -3.93 17.68 3.25
N GLY A 48 -3.88 18.98 2.94
CA GLY A 48 -3.76 19.39 1.55
C GLY A 48 -2.48 18.91 0.89
N ALA A 49 -1.39 18.82 1.66
CA ALA A 49 -0.12 18.33 1.11
C ALA A 49 -0.25 16.87 0.66
N GLU A 50 -0.92 16.04 1.46
CA GLU A 50 -1.12 14.65 1.08
C GLU A 50 -2.03 14.52 -0.13
N ILE A 51 -3.11 15.32 -0.16
CA ILE A 51 -4.02 15.28 -1.30
C ILE A 51 -3.30 15.70 -2.57
N ALA A 52 -2.49 16.76 -2.50
CA ALA A 52 -1.74 17.20 -3.67
C ALA A 52 -0.78 16.12 -4.14
N LYS A 53 -0.06 15.49 -3.21
CA LYS A 53 0.90 14.46 -3.59
C LYS A 53 0.21 13.29 -4.26
N ASN A 54 -0.94 12.86 -3.75
CA ASN A 54 -1.63 11.71 -4.33
C ASN A 54 -2.22 12.04 -5.70
N LEU A 55 -2.75 13.26 -5.87
CA LEU A 55 -3.32 13.63 -7.16
C LEU A 55 -2.23 13.83 -8.22
N ILE A 56 -1.13 14.48 -7.84
CA ILE A 56 -0.03 14.69 -8.78
C ILE A 56 0.56 13.37 -9.22
N LEU A 57 0.75 12.43 -8.28
CA LEU A 57 1.22 11.11 -8.65
C LEU A 57 0.20 10.35 -9.47
N ALA A 58 -1.09 10.64 -9.28
CA ALA A 58 -2.13 9.95 -10.03
C ALA A 58 -2.14 10.34 -11.51
N GLY A 59 -1.58 11.49 -11.86
CA GLY A 59 -1.45 11.89 -13.24
C GLY A 59 -2.51 12.83 -13.77
N VAL A 60 -3.13 13.65 -12.92
CA VAL A 60 -4.09 14.63 -13.41
C VAL A 60 -3.37 15.62 -14.32
N LYS A 61 -4.16 16.25 -15.20
CA LYS A 61 -3.58 17.21 -16.14
C LYS A 61 -2.93 18.38 -15.40
N GLY A 62 -3.65 18.97 -14.46
CA GLY A 62 -3.11 20.09 -13.71
C GLY A 62 -3.69 20.14 -12.30
N LEU A 63 -2.97 20.83 -11.43
CA LEU A 63 -3.40 21.05 -10.06
C LEU A 63 -3.01 22.47 -9.65
N THR A 64 -4.00 23.22 -9.16
CA THR A 64 -3.79 24.58 -8.70
C THR A 64 -3.84 24.59 -7.17
N MET A 65 -2.73 24.93 -6.54
CA MET A 65 -2.62 24.97 -5.09
C MET A 65 -2.86 26.41 -4.62
N LEU A 66 -4.00 26.63 -3.97
CA LEU A 66 -4.40 27.97 -3.53
C LEU A 66 -4.33 28.02 -2.00
N ASP A 67 -3.56 28.98 -1.48
CA ASP A 67 -3.48 29.18 -0.05
C ASP A 67 -3.07 30.63 0.20
N HIS A 68 -3.91 31.37 0.93
CA HIS A 68 -3.62 32.76 1.23
C HIS A 68 -2.79 32.95 2.50
N GLU A 69 -2.68 31.91 3.32
CA GLU A 69 -1.91 32.01 4.56
C GLU A 69 -0.42 31.90 4.27
N GLN A 70 0.38 32.32 5.23
CA GLN A 70 1.83 32.23 5.17
C GLN A 70 2.34 31.26 6.25
N VAL A 71 3.55 30.77 6.04
CA VAL A 71 4.16 29.85 7.00
C VAL A 71 4.47 30.62 8.28
N THR A 72 3.83 30.23 9.36
CA THR A 72 3.98 30.88 10.66
C THR A 72 5.07 30.21 11.46
N PRO A 73 5.63 30.89 12.46
CA PRO A 73 6.60 30.23 13.35
C PRO A 73 5.98 29.11 14.18
N GLU A 74 4.66 29.05 14.28
CA GLU A 74 4.01 27.95 14.99
C GLU A 74 3.84 26.70 14.13
N ASP A 75 4.01 26.82 12.82
CA ASP A 75 3.97 25.65 11.96
C ASP A 75 5.14 24.73 12.29
N PRO A 76 4.94 23.41 12.18
CA PRO A 76 6.02 22.49 12.50
C PRO A 76 7.19 22.65 11.54
N GLY A 77 8.41 22.50 12.08
CA GLY A 77 9.59 22.62 11.25
C GLY A 77 9.69 21.52 10.22
N ALA A 78 9.22 20.32 10.55
CA ALA A 78 9.23 19.19 9.62
C ALA A 78 7.91 19.18 8.85
N GLN A 79 7.98 19.45 7.55
CA GLN A 79 6.81 19.46 6.70
C GLN A 79 7.13 18.75 5.39
N PHE A 80 6.08 18.27 4.73
CA PHE A 80 6.21 17.47 3.51
C PHE A 80 6.74 18.32 2.36
N LEU A 81 5.97 19.30 1.91
CA LEU A 81 6.31 20.07 0.73
C LEU A 81 7.03 21.38 1.04
N ILE A 82 7.03 21.82 2.29
CA ILE A 82 7.60 23.10 2.68
C ILE A 82 8.97 22.86 3.30
N ARG A 83 10.01 23.42 2.70
CA ARG A 83 11.37 23.27 3.19
C ARG A 83 11.50 23.90 4.57
N THR A 84 12.35 23.29 5.41
CA THR A 84 12.54 23.78 6.77
C THR A 84 13.06 25.21 6.76
N GLY A 85 12.48 26.05 7.61
CA GLY A 85 12.90 27.44 7.69
C GLY A 85 12.29 28.35 6.66
N SER A 86 11.07 28.05 6.22
CA SER A 86 10.36 28.88 5.24
C SER A 86 9.32 29.79 5.90
N VAL A 87 9.53 30.13 7.16
CA VAL A 87 8.58 30.99 7.88
C VAL A 87 8.59 32.37 7.27
N GLY A 88 7.45 32.78 6.70
CA GLY A 88 7.31 34.10 6.14
C GLY A 88 6.70 34.16 4.76
N ARG A 89 6.91 33.12 3.96
CA ARG A 89 6.43 33.09 2.59
C ARG A 89 5.13 32.31 2.48
N ASN A 90 4.49 32.45 1.32
CA ASN A 90 3.20 31.83 1.07
C ASN A 90 3.32 30.31 1.14
N ARG A 91 2.30 29.67 1.75
CA ARG A 91 2.34 28.21 1.91
CA ARG A 91 2.35 28.22 1.90
C ARG A 91 2.26 27.51 0.55
N ALA A 92 1.51 28.05 -0.40
CA ALA A 92 1.42 27.43 -1.72
C ALA A 92 2.69 27.66 -2.53
N GLU A 93 3.35 28.81 -2.35
CA GLU A 93 4.61 29.05 -3.05
C GLU A 93 5.71 28.15 -2.52
N ALA A 94 5.78 27.97 -1.20
CA ALA A 94 6.79 27.10 -0.61
C ALA A 94 6.56 25.63 -0.96
N SER A 95 5.33 25.25 -1.29
CA SER A 95 5.01 23.87 -1.62
C SER A 95 5.17 23.56 -3.10
N LEU A 96 5.46 24.56 -3.93
CA LEU A 96 5.43 24.36 -5.38
C LEU A 96 6.57 23.46 -5.85
N GLU A 97 7.80 23.74 -5.43
CA GLU A 97 8.95 23.04 -5.97
C GLU A 97 8.90 21.55 -5.67
N ARG A 98 8.58 21.19 -4.42
CA ARG A 98 8.53 19.78 -4.06
C ARG A 98 7.31 19.09 -4.70
N ALA A 99 6.20 19.80 -4.82
CA ALA A 99 5.02 19.20 -5.43
C ALA A 99 5.23 18.96 -6.92
N GLN A 100 5.85 19.92 -7.61
CA GLN A 100 6.09 19.77 -9.04
C GLN A 100 7.10 18.67 -9.34
N ASN A 101 8.06 18.44 -8.44
CA ASN A 101 9.05 17.40 -8.66
C ASN A 101 8.46 15.99 -8.57
N LEU A 102 7.28 15.84 -7.99
CA LEU A 102 6.66 14.52 -7.89
C LEU A 102 6.30 13.97 -9.26
N ASN A 103 5.85 14.83 -10.17
CA ASN A 103 5.48 14.40 -11.52
C ASN A 103 5.65 15.56 -12.49
N PRO A 104 6.65 15.52 -13.37
CA PRO A 104 6.85 16.63 -14.32
C PRO A 104 5.72 16.78 -15.32
N MET A 105 4.94 15.73 -15.59
CA MET A 105 3.87 15.84 -16.56
C MET A 105 2.69 16.66 -16.06
N VAL A 106 2.59 16.89 -14.76
CA VAL A 106 1.51 17.67 -14.18
C VAL A 106 2.01 19.11 -14.02
N ASP A 107 1.29 20.06 -14.61
CA ASP A 107 1.60 21.47 -14.42
C ASP A 107 0.90 21.93 -13.14
N VAL A 108 1.70 22.36 -12.15
CA VAL A 108 1.20 22.71 -10.84
C VAL A 108 1.26 24.23 -10.72
N LYS A 109 0.09 24.86 -10.72
CA LYS A 109 0.01 26.30 -10.53
C LYS A 109 -0.10 26.65 -9.05
N VAL A 110 0.21 27.90 -8.74
CA VAL A 110 0.16 28.41 -7.36
C VAL A 110 -0.67 29.68 -7.36
N ASP A 111 -1.63 29.75 -6.43
CA ASP A 111 -2.48 30.92 -6.26
C ASP A 111 -2.40 31.38 -4.81
N THR A 112 -2.26 32.68 -4.61
CA THR A 112 -2.07 33.24 -3.28
C THR A 112 -3.23 34.10 -2.81
N GLU A 113 -4.17 34.46 -3.67
CA GLU A 113 -5.29 35.29 -3.27
C GLU A 113 -6.26 34.52 -2.38
N ASP A 114 -7.08 35.27 -1.65
CA ASP A 114 -8.07 34.66 -0.78
C ASP A 114 -9.13 33.94 -1.61
N ILE A 115 -9.49 32.74 -1.16
CA ILE A 115 -10.51 31.96 -1.86
C ILE A 115 -11.87 32.64 -1.77
N GLU A 116 -12.13 33.38 -0.70
CA GLU A 116 -13.43 34.01 -0.52
C GLU A 116 -13.61 35.22 -1.43
N LYS A 117 -12.54 35.78 -1.95
CA LYS A 117 -12.59 36.94 -2.83
C LYS A 117 -12.49 36.59 -4.30
N LYS A 118 -12.46 35.30 -4.63
CA LYS A 118 -12.35 34.89 -6.02
C LYS A 118 -13.70 35.03 -6.72
N PRO A 119 -13.72 35.43 -7.99
CA PRO A 119 -14.98 35.47 -8.74
C PRO A 119 -15.44 34.08 -9.13
N GLU A 120 -16.71 34.00 -9.52
CA GLU A 120 -17.29 32.73 -9.94
C GLU A 120 -16.62 32.19 -11.20
N SER A 121 -16.17 33.09 -12.08
CA SER A 121 -15.51 32.67 -13.32
C SER A 121 -14.18 31.95 -13.04
N PHE A 122 -13.59 32.17 -11.87
CA PHE A 122 -12.31 31.52 -11.57
C PHE A 122 -12.46 30.01 -11.46
N PHE A 123 -13.61 29.52 -10.98
CA PHE A 123 -13.79 28.10 -10.73
C PHE A 123 -14.10 27.31 -12.00
N THR A 124 -14.58 27.97 -13.05
CA THR A 124 -15.02 27.25 -14.24
C THR A 124 -13.90 26.50 -14.93
N GLN A 125 -12.64 26.91 -14.72
CA GLN A 125 -11.51 26.24 -15.36
C GLN A 125 -11.20 24.89 -14.75
N PHE A 126 -11.86 24.51 -13.65
CA PHE A 126 -11.56 23.28 -12.94
C PHE A 126 -12.68 22.26 -13.13
N ASP A 127 -12.30 20.99 -13.16
CA ASP A 127 -13.26 19.89 -13.19
C ASP A 127 -13.63 19.42 -11.79
N ALA A 128 -12.78 19.66 -10.79
CA ALA A 128 -13.06 19.29 -9.42
C ALA A 128 -12.42 20.29 -8.49
N VAL A 129 -13.08 20.54 -7.36
CA VAL A 129 -12.60 21.50 -6.36
C VAL A 129 -12.59 20.81 -5.01
N CYS A 130 -11.45 20.86 -4.32
CA CYS A 130 -11.28 20.24 -3.01
C CYS A 130 -10.85 21.31 -2.02
N LEU A 131 -11.64 21.49 -0.96
CA LEU A 131 -11.39 22.52 0.04
C LEU A 131 -10.88 21.90 1.33
N THR A 132 -9.82 22.48 1.89
CA THR A 132 -9.36 22.16 3.23
C THR A 132 -9.16 23.45 4.01
N CYS A 133 -9.36 23.36 5.33
CA CYS A 133 -9.12 24.47 6.25
C CYS A 133 -9.98 25.69 5.93
N CYS A 134 -11.19 25.47 5.42
CA CYS A 134 -12.11 26.54 5.08
C CYS A 134 -13.26 26.58 6.07
N SER A 135 -13.79 27.78 6.29
CA SER A 135 -14.94 27.95 7.17
C SER A 135 -16.19 27.36 6.54
N ARG A 136 -17.23 27.21 7.37
CA ARG A 136 -18.49 26.66 6.88
C ARG A 136 -19.09 27.53 5.78
N ASP A 137 -19.01 28.86 5.93
CA ASP A 137 -19.58 29.75 4.93
C ASP A 137 -18.86 29.63 3.60
N VAL A 138 -17.54 29.47 3.62
CA VAL A 138 -16.80 29.28 2.38
C VAL A 138 -17.11 27.92 1.77
N ILE A 139 -17.28 26.91 2.62
CA ILE A 139 -17.57 25.56 2.13
C ILE A 139 -18.90 25.54 1.39
N VAL A 140 -19.93 26.16 1.97
CA VAL A 140 -21.24 26.18 1.32
C VAL A 140 -21.21 27.03 0.06
N LYS A 141 -20.60 28.20 0.12
CA LYS A 141 -20.58 29.11 -1.02
C LYS A 141 -19.89 28.48 -2.23
N VAL A 142 -18.78 27.78 -2.00
CA VAL A 142 -18.05 27.15 -3.10
C VAL A 142 -18.83 25.96 -3.65
N ASP A 143 -19.43 25.17 -2.76
CA ASP A 143 -20.25 24.05 -3.21
C ASP A 143 -21.43 24.52 -4.05
N GLN A 144 -22.00 25.68 -3.71
CA GLN A 144 -23.09 26.23 -4.51
C GLN A 144 -22.60 26.73 -5.86
N ILE A 145 -21.40 27.31 -5.90
CA ILE A 145 -20.83 27.74 -7.17
C ILE A 145 -20.52 26.54 -8.05
N CYS A 146 -19.98 25.47 -7.46
CA CYS A 146 -19.64 24.28 -8.24
C CYS A 146 -20.88 23.60 -8.79
N HIS A 147 -21.93 23.47 -7.97
CA HIS A 147 -23.18 22.90 -8.47
C HIS A 147 -23.79 23.79 -9.56
N LYS A 148 -23.52 25.08 -9.51
CA LYS A 148 -24.05 26.01 -10.52
C LYS A 148 -23.33 25.82 -11.86
N ASN A 149 -22.10 25.30 -11.83
CA ASN A 149 -21.32 25.09 -13.05
C ASN A 149 -21.02 23.63 -13.32
N SER A 150 -21.70 22.71 -12.64
CA SER A 150 -21.48 21.26 -12.81
C SER A 150 -20.03 20.88 -12.56
N ILE A 151 -19.50 21.36 -11.43
CA ILE A 151 -18.13 21.07 -11.00
C ILE A 151 -18.20 20.15 -9.80
N LYS A 152 -17.42 19.08 -9.82
CA LYS A 152 -17.39 18.15 -8.70
C LYS A 152 -16.75 18.82 -7.49
N PHE A 153 -17.42 18.72 -6.35
CA PHE A 153 -17.01 19.43 -5.14
C PHE A 153 -16.60 18.44 -4.06
N PHE A 154 -15.48 18.74 -3.39
CA PHE A 154 -14.98 17.93 -2.29
C PHE A 154 -14.52 18.85 -1.18
N THR A 155 -14.57 18.35 0.05
CA THR A 155 -14.01 19.05 1.19
C THR A 155 -13.54 18.03 2.22
N GLY A 156 -12.61 18.45 3.06
CA GLY A 156 -12.08 17.59 4.08
C GLY A 156 -11.27 18.37 5.10
N ASP A 157 -11.07 17.75 6.26
CA ASP A 157 -10.27 18.35 7.32
C ASP A 157 -9.83 17.24 8.26
N VAL A 158 -8.79 17.54 9.05
CA VAL A 158 -8.31 16.64 10.09
C VAL A 158 -8.22 17.42 11.39
N PHE A 159 -8.44 16.71 12.49
CA PHE A 159 -8.38 17.34 13.82
C PHE A 159 -8.09 16.24 14.84
N GLY A 160 -6.88 16.24 15.38
CA GLY A 160 -6.51 15.18 16.31
C GLY A 160 -6.49 13.84 15.63
N TYR A 161 -7.09 12.84 16.28
CA TYR A 161 -7.18 11.50 15.72
C TYR A 161 -8.31 11.36 14.71
N HIS A 162 -9.09 12.40 14.46
CA HIS A 162 -10.25 12.33 13.60
C HIS A 162 -10.03 13.09 12.30
N GLY A 163 -10.79 12.70 11.28
CA GLY A 163 -10.79 13.36 9.99
C GLY A 163 -12.08 13.06 9.28
N TYR A 164 -12.34 13.82 8.22
CA TYR A 164 -13.57 13.64 7.45
C TYR A 164 -13.36 14.07 6.01
N THR A 165 -14.16 13.49 5.12
CA THR A 165 -14.25 13.91 3.73
C THR A 165 -15.72 14.01 3.34
N PHE A 166 -16.04 15.00 2.51
CA PHE A 166 -17.38 15.14 1.96
C PHE A 166 -17.29 15.32 0.45
N ALA A 167 -18.24 14.73 -0.26
CA ALA A 167 -18.30 14.81 -1.71
C ALA A 167 -19.68 15.23 -2.15
N ASN A 168 -19.74 16.18 -3.09
CA ASN A 168 -20.97 16.56 -3.77
C ASN A 168 -20.69 16.47 -5.27
N LEU A 169 -21.13 15.37 -5.88
CA LEU A 169 -20.92 15.14 -7.31
C LEU A 169 -22.17 15.39 -8.13
N GLY A 170 -23.20 15.98 -7.53
CA GLY A 170 -24.45 16.20 -8.25
C GLY A 170 -25.05 14.89 -8.72
N GLU A 171 -25.50 14.87 -9.96
CA GLU A 171 -25.95 13.64 -10.61
C GLU A 171 -24.73 13.03 -11.30
N HIS A 172 -24.13 12.03 -10.66
CA HIS A 172 -22.89 11.43 -11.10
C HIS A 172 -23.15 10.07 -11.71
N GLU A 173 -22.60 9.84 -12.90
CA GLU A 173 -22.68 8.55 -13.57
C GLU A 173 -21.28 7.97 -13.69
N PHE A 174 -21.18 6.64 -13.57
CA PHE A 174 -19.89 5.97 -13.56
C PHE A 174 -20.06 4.57 -14.12
N VAL A 175 -18.95 3.83 -14.19
CA VAL A 175 -18.93 2.46 -14.68
C VAL A 175 -18.41 1.57 -13.56
N GLU A 176 -19.16 0.51 -13.26
CA GLU A 176 -18.79 -0.44 -12.22
C GLU A 176 -18.92 -1.85 -12.78
N GLU A 177 -18.08 -2.75 -12.28
CA GLU A 177 -18.07 -4.13 -12.73
C GLU A 177 -19.00 -4.98 -11.89
N LYS A 178 -19.71 -5.90 -12.56
CA LYS A 178 -20.61 -6.83 -11.90
C LYS A 178 -19.86 -7.74 -10.93
N THR A 205 -19.54 -8.36 -17.60
CA THR A 205 -19.55 -8.10 -16.16
C THR A 205 -19.18 -6.66 -15.86
N MET A 206 -19.86 -5.73 -16.54
CA MET A 206 -19.58 -4.31 -16.39
C MET A 206 -20.82 -3.52 -16.79
N VAL A 207 -21.30 -2.66 -15.90
CA VAL A 207 -22.53 -1.88 -16.12
C VAL A 207 -22.26 -0.42 -15.79
N LYS A 208 -23.26 0.41 -16.09
CA LYS A 208 -23.22 1.83 -15.79
C LYS A 208 -24.34 2.16 -14.81
N LYS A 209 -24.04 3.02 -13.83
CA LYS A 209 -25.00 3.41 -12.81
C LYS A 209 -24.99 4.93 -12.64
N LYS A 210 -25.98 5.41 -11.91
CA LYS A 210 -26.11 6.82 -11.58
C LYS A 210 -26.36 6.96 -10.08
N VAL A 211 -25.67 7.93 -9.47
CA VAL A 211 -25.82 8.23 -8.05
C VAL A 211 -26.03 9.73 -7.90
N VAL A 212 -27.02 10.12 -7.11
CA VAL A 212 -27.38 11.51 -6.91
C VAL A 212 -26.84 11.99 -5.56
N PHE A 213 -26.10 13.09 -5.58
CA PHE A 213 -25.58 13.72 -4.39
C PHE A 213 -26.41 14.96 -4.06
N CYS A 214 -26.36 15.36 -2.79
CA CYS A 214 -27.07 16.53 -2.30
C CYS A 214 -26.10 17.65 -1.95
N PRO A 215 -26.55 18.90 -1.93
CA PRO A 215 -25.66 20.01 -1.57
C PRO A 215 -25.13 19.87 -0.16
N VAL A 216 -23.97 20.50 0.08
CA VAL A 216 -23.35 20.43 1.40
C VAL A 216 -24.17 21.20 2.43
N LYS A 217 -24.95 22.19 1.99
CA LYS A 217 -25.80 22.91 2.92
C LYS A 217 -26.84 21.99 3.54
N GLU A 218 -27.51 21.18 2.71
CA GLU A 218 -28.48 20.23 3.23
C GLU A 218 -27.82 19.14 4.07
N ALA A 219 -26.60 18.73 3.70
CA ALA A 219 -25.91 17.69 4.45
C ALA A 219 -25.47 18.16 5.83
N LEU A 220 -25.28 19.46 6.02
CA LEU A 220 -24.82 20.00 7.29
C LEU A 220 -25.96 20.41 8.22
N GLU A 221 -27.19 20.52 7.72
CA GLU A 221 -28.35 20.83 8.56
C GLU A 221 -29.42 19.77 8.29
N VAL A 222 -29.34 18.68 9.03
CA VAL A 222 -30.30 17.58 8.92
C VAL A 222 -31.39 17.77 9.96
N ASP A 223 -32.64 17.56 9.55
CA ASP A 223 -33.76 17.62 10.47
C ASP A 223 -33.84 16.30 11.22
N TRP A 224 -33.60 16.33 12.53
CA TRP A 224 -33.60 15.14 13.36
C TRP A 224 -34.91 14.94 14.10
N SER A 225 -35.94 15.73 13.79
CA SER A 225 -37.21 15.65 14.51
C SER A 225 -38.17 14.61 13.93
N SER A 226 -37.92 14.14 12.71
CA SER A 226 -38.73 13.07 12.16
C SER A 226 -38.57 11.80 13.01
N GLU A 227 -39.53 10.89 12.87
CA GLU A 227 -39.43 9.62 13.58
C GLU A 227 -38.37 8.73 12.94
N LYS A 228 -38.31 8.73 11.60
CA LYS A 228 -37.30 7.92 10.92
C LYS A 228 -35.90 8.48 11.15
N ALA A 229 -35.76 9.80 11.30
CA ALA A 229 -34.45 10.39 11.52
C ALA A 229 -33.91 10.04 12.90
N LYS A 230 -34.81 10.01 13.90
CA LYS A 230 -34.39 9.63 15.25
C LYS A 230 -33.86 8.21 15.30
N ALA A 231 -34.36 7.33 14.42
CA ALA A 231 -33.85 5.97 14.34
C ALA A 231 -32.47 5.95 13.71
N ALA A 232 -32.30 6.68 12.60
CA ALA A 232 -30.98 6.78 11.98
C ALA A 232 -29.99 7.52 12.88
N LEU A 233 -30.51 8.40 13.75
CA LEU A 233 -29.65 9.09 14.70
C LEU A 233 -28.92 8.11 15.61
N LYS A 234 -29.55 6.98 15.95
CA LYS A 234 -28.87 5.97 16.75
C LYS A 234 -27.78 5.26 15.97
N ARG A 235 -27.89 5.22 14.65
CA ARG A 235 -26.92 4.55 13.79
C ARG A 235 -25.93 5.51 13.17
N THR A 236 -26.02 6.80 13.48
CA THR A 236 -25.11 7.80 12.92
C THR A 236 -23.91 7.98 13.84
N THR A 237 -22.71 7.92 13.27
CA THR A 237 -21.51 8.09 14.06
C THR A 237 -21.44 9.49 14.66
N SER A 238 -20.93 9.57 15.89
CA SER A 238 -20.81 10.85 16.58
C SER A 238 -19.80 11.78 15.91
N ASP A 239 -18.99 11.28 14.99
CA ASP A 239 -18.03 12.14 14.28
C ASP A 239 -18.74 13.19 13.45
N TYR A 240 -19.98 12.93 13.03
CA TYR A 240 -20.74 13.94 12.29
C TYR A 240 -21.01 15.16 13.16
N PHE A 241 -21.35 14.94 14.43
CA PHE A 241 -21.59 16.05 15.33
C PHE A 241 -20.28 16.67 15.81
N LEU A 242 -19.21 15.88 15.87
CA LEU A 242 -17.89 16.44 16.10
C LEU A 242 -17.51 17.43 14.99
N LEU A 243 -17.88 17.11 13.74
CA LEU A 243 -17.65 18.04 12.65
C LEU A 243 -18.47 19.32 12.83
N GLN A 244 -19.70 19.19 13.31
CA GLN A 244 -20.53 20.37 13.54
C GLN A 244 -19.94 21.26 14.63
N VAL A 245 -19.43 20.65 15.70
CA VAL A 245 -18.86 21.42 16.79
C VAL A 245 -17.61 22.16 16.33
N LEU A 246 -16.74 21.48 15.57
CA LEU A 246 -15.50 22.10 15.13
C LEU A 246 -15.73 23.15 14.06
N LEU A 247 -16.73 22.96 13.20
CA LEU A 247 -17.09 23.99 12.23
C LEU A 247 -17.58 25.24 12.93
N LYS A 248 -18.35 25.07 14.01
CA LYS A 248 -18.84 26.22 14.78
C LYS A 248 -17.69 26.90 15.52
N PHE A 249 -16.71 26.11 15.99
CA PHE A 249 -15.53 26.69 16.61
C PHE A 249 -14.74 27.52 15.62
N ARG A 250 -14.54 26.99 14.41
CA ARG A 250 -13.81 27.72 13.38
C ARG A 250 -14.56 28.98 12.95
N THR A 251 -15.89 28.96 13.04
CA THR A 251 -16.67 30.14 12.67
C THR A 251 -16.52 31.24 13.70
N ASP A 252 -16.68 30.91 14.98
CA ASP A 252 -16.64 31.93 16.03
C ASP A 252 -15.22 32.43 16.27
N LYS A 253 -14.29 31.51 16.55
CA LYS A 253 -12.92 31.88 16.90
C LYS A 253 -12.08 32.27 15.69
N GLY A 254 -12.55 32.01 14.47
CA GLY A 254 -11.74 32.29 13.31
C GLY A 254 -10.49 31.45 13.20
N ARG A 255 -10.43 30.33 13.92
CA ARG A 255 -9.27 29.45 13.92
C ARG A 255 -9.70 28.08 14.43
N ASP A 256 -8.84 27.10 14.23
CA ASP A 256 -9.06 25.76 14.75
C ASP A 256 -8.48 25.64 16.15
N PRO A 257 -8.92 24.64 16.92
CA PRO A 257 -8.34 24.44 18.25
C PRO A 257 -6.83 24.21 18.17
N SER A 258 -6.11 24.82 19.10
CA SER A 258 -4.66 24.77 19.13
C SER A 258 -4.19 24.07 20.40
N SER A 259 -3.09 23.31 20.27
CA SER A 259 -2.55 22.60 21.43
C SER A 259 -2.00 23.56 22.48
N ASP A 260 -1.48 24.72 22.05
CA ASP A 260 -0.94 25.68 22.99
C ASP A 260 -2.02 26.22 23.92
N THR A 261 -3.19 26.55 23.37
CA THR A 261 -4.33 27.01 24.15
C THR A 261 -5.33 25.90 24.41
N TYR A 262 -4.84 24.71 24.77
CA TYR A 262 -5.73 23.56 24.97
C TYR A 262 -6.68 23.76 26.14
N GLU A 263 -6.28 24.53 27.15
CA GLU A 263 -7.11 24.71 28.33
C GLU A 263 -8.37 25.50 28.02
N GLU A 264 -8.22 26.64 27.35
CA GLU A 264 -9.36 27.49 27.04
C GLU A 264 -10.18 26.91 25.89
N ASP A 265 -9.52 26.30 24.90
CA ASP A 265 -10.23 25.78 23.74
C ASP A 265 -11.11 24.60 24.11
N SER A 266 -10.60 23.67 24.93
CA SER A 266 -11.38 22.51 25.31
C SER A 266 -12.61 22.90 26.11
N GLU A 267 -12.54 23.99 26.87
CA GLU A 267 -13.71 24.45 27.62
C GLU A 267 -14.75 25.06 26.69
N LEU A 268 -14.31 25.76 25.65
CA LEU A 268 -15.24 26.32 24.68
C LEU A 268 -15.88 25.24 23.83
N LEU A 269 -15.09 24.23 23.44
CA LEU A 269 -15.64 23.12 22.66
C LEU A 269 -16.72 22.39 23.43
N LEU A 270 -16.54 22.23 24.75
CA LEU A 270 -17.57 21.59 25.56
C LEU A 270 -18.83 22.45 25.64
N GLN A 271 -18.68 23.77 25.53
CA GLN A 271 -19.84 24.65 25.52
C GLN A 271 -20.53 24.65 24.16
N ILE A 272 -19.75 24.62 23.08
CA ILE A 272 -20.33 24.66 21.74
C ILE A 272 -21.13 23.39 21.47
N ARG A 273 -20.63 22.24 21.92
CA ARG A 273 -21.34 20.98 21.69
C ARG A 273 -22.68 20.97 22.42
N ASN A 274 -22.80 21.70 23.53
CA ASN A 274 -24.08 21.80 24.20
C ASN A 274 -25.03 22.73 23.46
N ASP A 275 -24.51 23.82 22.91
CA ASP A 275 -25.35 24.76 22.17
C ASP A 275 -25.80 24.19 20.83
N VAL A 276 -24.88 23.56 20.11
CA VAL A 276 -25.20 23.04 18.78
C VAL A 276 -26.17 21.87 18.88
N LEU A 277 -25.87 20.90 19.75
CA LEU A 277 -26.70 19.71 19.85
C LEU A 277 -28.07 20.02 20.45
N ASP A 278 -28.17 21.06 21.28
CA ASP A 278 -29.49 21.51 21.74
C ASP A 278 -30.26 22.19 20.62
N SER A 279 -29.55 22.92 19.75
CA SER A 279 -30.20 23.58 18.63
C SER A 279 -30.80 22.58 17.66
N LEU A 280 -30.19 21.40 17.54
CA LEU A 280 -30.69 20.33 16.68
C LEU A 280 -31.67 19.41 17.39
N GLY A 281 -32.04 19.72 18.63
CA GLY A 281 -32.96 18.89 19.37
C GLY A 281 -32.42 17.52 19.74
N ILE A 282 -31.10 17.41 19.93
CA ILE A 282 -30.45 16.15 20.23
C ILE A 282 -29.83 16.24 21.62
N SER A 283 -29.73 15.08 22.27
CA SER A 283 -29.06 15.03 23.57
C SER A 283 -27.60 15.40 23.41
N PRO A 284 -27.08 16.36 24.18
CA PRO A 284 -25.65 16.69 24.08
C PRO A 284 -24.73 15.53 24.40
N ASP A 285 -25.21 14.53 25.13
CA ASP A 285 -24.40 13.36 25.47
C ASP A 285 -24.17 12.43 24.28
N LEU A 286 -24.75 12.72 23.12
CA LEU A 286 -24.46 11.90 21.94
C LEU A 286 -23.00 12.04 21.52
N LEU A 287 -22.39 13.19 21.79
CA LEU A 287 -20.96 13.37 21.64
C LEU A 287 -20.33 13.35 23.03
N PRO A 288 -19.62 12.29 23.41
CA PRO A 288 -19.09 12.20 24.78
C PRO A 288 -18.19 13.38 25.12
N GLU A 289 -18.14 13.68 26.43
CA GLU A 289 -17.44 14.88 26.89
C GLU A 289 -15.95 14.81 26.64
N ASP A 290 -15.38 13.62 26.55
CA ASP A 290 -13.94 13.46 26.39
C ASP A 290 -13.47 13.69 24.96
N PHE A 291 -14.34 14.16 24.06
CA PHE A 291 -13.94 14.38 22.68
C PHE A 291 -12.89 15.47 22.53
N VAL A 292 -12.80 16.37 23.52
CA VAL A 292 -11.82 17.46 23.46
C VAL A 292 -10.38 16.98 23.56
N ARG A 293 -10.17 15.72 23.95
CA ARG A 293 -8.82 15.19 24.11
C ARG A 293 -8.25 14.61 22.84
N TYR A 294 -9.06 14.40 21.80
CA TYR A 294 -8.61 13.68 20.61
C TYR A 294 -8.91 14.44 19.32
N CYS A 295 -9.11 15.75 19.38
CA CYS A 295 -9.46 16.52 18.19
C CYS A 295 -8.63 17.78 18.04
N PHE A 296 -7.43 17.81 18.61
CA PHE A 296 -6.56 18.98 18.56
C PHE A 296 -5.42 18.77 17.59
N SER A 297 -5.06 19.84 16.87
CA SER A 297 -3.95 19.87 15.92
C SER A 297 -4.15 18.90 14.77
N GLU A 298 -3.23 18.92 13.80
CA GLU A 298 -3.28 18.01 12.66
C GLU A 298 -2.13 17.02 12.78
N MET A 299 -2.47 15.74 12.82
CA MET A 299 -1.49 14.67 12.95
C MET A 299 -1.13 14.11 11.58
N ALA A 300 0.16 13.89 11.36
CA ALA A 300 0.62 13.38 10.06
C ALA A 300 -0.03 12.05 9.68
N PRO A 301 -0.14 11.05 10.57
CA PRO A 301 -0.79 9.79 10.14
C PRO A 301 -2.25 9.98 9.77
N VAL A 302 -2.96 10.87 10.46
CA VAL A 302 -4.36 11.12 10.11
C VAL A 302 -4.45 11.82 8.77
N CYS A 303 -3.50 12.73 8.48
CA CYS A 303 -3.48 13.38 7.18
C CYS A 303 -3.26 12.37 6.05
N ALA A 304 -2.42 11.37 6.29
CA ALA A 304 -2.15 10.38 5.26
C ALA A 304 -3.37 9.48 5.02
N VAL A 305 -4.11 9.15 6.07
CA VAL A 305 -5.29 8.30 5.92
C VAL A 305 -6.40 9.06 5.21
N VAL A 306 -6.77 10.23 5.74
CA VAL A 306 -7.85 11.01 5.15
C VAL A 306 -7.45 11.50 3.76
N GLY A 307 -6.21 11.96 3.61
CA GLY A 307 -5.74 12.40 2.31
C GLY A 307 -5.70 11.27 1.28
N GLY A 308 -5.47 10.04 1.75
CA GLY A 308 -5.48 8.91 0.84
C GLY A 308 -6.88 8.55 0.39
N ILE A 309 -7.85 8.58 1.31
CA ILE A 309 -9.22 8.26 0.96
C ILE A 309 -9.83 9.38 0.11
N LEU A 310 -9.56 10.63 0.46
CA LEU A 310 -10.13 11.76 -0.27
C LEU A 310 -9.59 11.83 -1.69
N ALA A 311 -8.28 11.70 -1.86
CA ALA A 311 -7.69 11.79 -3.19
C ALA A 311 -8.17 10.65 -4.09
N GLN A 312 -8.35 9.46 -3.53
CA GLN A 312 -8.86 8.35 -4.32
C GLN A 312 -10.31 8.57 -4.73
N GLU A 313 -11.10 9.24 -3.89
CA GLU A 313 -12.47 9.58 -4.27
C GLU A 313 -12.49 10.60 -5.40
N ILE A 314 -11.55 11.54 -5.39
CA ILE A 314 -11.44 12.50 -6.48
C ILE A 314 -11.03 11.80 -7.78
N VAL A 315 -10.13 10.82 -7.68
CA VAL A 315 -9.66 10.12 -8.86
C VAL A 315 -10.80 9.35 -9.51
N LYS A 316 -11.54 8.57 -8.71
CA LYS A 316 -12.63 7.78 -9.26
C LYS A 316 -13.80 8.64 -9.73
N ALA A 317 -13.90 9.88 -9.24
CA ALA A 317 -14.94 10.77 -9.72
C ALA A 317 -14.56 11.41 -11.05
N LEU A 318 -13.30 11.84 -11.19
CA LEU A 318 -12.85 12.42 -12.45
C LEU A 318 -12.82 11.38 -13.56
N SER A 319 -12.43 10.15 -13.24
CA SER A 319 -12.40 9.08 -14.22
C SER A 319 -13.77 8.44 -14.45
N GLN A 320 -14.73 8.69 -13.56
CA GLN A 320 -16.06 8.10 -13.64
C GLN A 320 -15.99 6.57 -13.67
N ARG A 321 -15.09 6.02 -12.85
CA ARG A 321 -14.93 4.59 -12.69
C ARG A 321 -15.09 4.24 -11.21
N ASP A 322 -15.87 3.19 -10.93
CA ASP A 322 -16.15 2.69 -9.59
C ASP A 322 -17.07 3.66 -8.83
N PRO A 323 -17.91 3.16 -7.93
CA PRO A 323 -18.86 4.04 -7.23
C PRO A 323 -18.17 4.89 -6.18
N PRO A 324 -18.57 6.15 -6.06
CA PRO A 324 -18.00 7.02 -5.02
C PRO A 324 -18.80 6.94 -3.72
N HIS A 325 -18.13 7.32 -2.63
CA HIS A 325 -18.75 7.28 -1.33
C HIS A 325 -19.75 8.42 -1.18
N ASN A 326 -20.96 8.08 -0.76
CA ASN A 326 -22.07 9.03 -0.66
C ASN A 326 -22.57 9.13 0.77
N ASN A 327 -22.29 10.24 1.45
CA ASN A 327 -21.50 11.33 0.89
C ASN A 327 -20.41 11.77 1.88
N PHE A 328 -20.47 11.22 3.09
CA PHE A 328 -19.52 11.53 4.14
C PHE A 328 -18.62 10.33 4.42
N PHE A 329 -17.37 10.62 4.79
CA PHE A 329 -16.46 9.62 5.33
C PHE A 329 -15.88 10.17 6.62
N PHE A 330 -15.99 9.38 7.69
CA PHE A 330 -15.50 9.79 9.00
C PHE A 330 -14.47 8.78 9.48
N PHE A 331 -13.30 9.27 9.90
CA PHE A 331 -12.20 8.43 10.35
C PHE A 331 -11.92 8.71 11.82
N ASP A 332 -11.83 7.64 12.60
CA ASP A 332 -11.46 7.70 14.02
C ASP A 332 -10.12 6.98 14.17
N GLY A 333 -9.05 7.74 14.33
CA GLY A 333 -7.73 7.15 14.46
C GLY A 333 -7.52 6.36 15.74
N MET A 334 -8.29 6.66 16.79
CA MET A 334 -8.13 5.92 18.05
C MET A 334 -8.78 4.54 17.96
N LYS A 335 -9.97 4.45 17.37
CA LYS A 335 -10.67 3.18 17.26
C LYS A 335 -10.39 2.46 15.95
N GLY A 336 -9.78 3.13 14.98
CA GLY A 336 -9.57 2.51 13.68
C GLY A 336 -10.81 2.38 12.84
N ASN A 337 -11.78 3.29 13.02
CA ASN A 337 -13.05 3.24 12.32
C ASN A 337 -13.02 4.17 11.11
N GLY A 338 -13.50 3.66 9.98
CA GLY A 338 -13.73 4.46 8.80
C GLY A 338 -15.16 4.26 8.30
N ILE A 339 -16.03 5.21 8.59
CA ILE A 339 -17.47 5.05 8.40
C ILE A 339 -17.93 5.96 7.28
N VAL A 340 -18.72 5.41 6.37
CA VAL A 340 -19.34 6.16 5.28
C VAL A 340 -20.80 6.39 5.63
N GLU A 341 -21.20 7.66 5.68
CA GLU A 341 -22.57 8.05 6.02
C GLU A 341 -23.18 8.81 4.86
N CYS A 342 -24.48 8.61 4.66
CA CYS A 342 -25.26 9.35 3.66
C CYS A 342 -26.24 10.24 4.41
N LEU A 343 -25.87 11.50 4.59
CA LEU A 343 -26.67 12.47 5.32
C LEU A 343 -27.01 13.65 4.41
N GLY A 344 -28.26 14.09 4.46
CA GLY A 344 -28.71 15.15 3.60
C GLY A 344 -30.09 14.88 2.99
N PRO A 345 -30.20 13.83 2.19
CA PRO A 345 -31.47 13.54 1.51
C PRO A 345 -32.60 13.28 2.50
N LYS A 346 -33.82 13.35 1.98
CA LYS A 346 -35.05 13.15 2.75
C LYS A 346 -35.10 14.08 3.97
N LEU B 23 -0.90 18.99 25.80
CA LEU B 23 -0.77 18.28 24.52
C LEU B 23 0.34 18.87 23.67
N SER B 24 0.92 18.04 22.80
CA SER B 24 1.96 18.44 21.87
C SER B 24 1.59 17.91 20.49
N ARG B 25 1.13 18.79 19.61
CA ARG B 25 0.66 18.42 18.27
C ARG B 25 -0.43 17.36 18.35
N GLY B 26 -1.38 17.56 19.26
CA GLY B 26 -2.47 16.62 19.47
C GLY B 26 -2.15 15.42 20.34
N LEU B 27 -0.86 15.14 20.56
CA LEU B 27 -0.41 14.03 21.38
C LEU B 27 -0.12 14.49 22.81
N PRO B 28 -0.34 13.62 23.79
CA PRO B 28 0.06 13.95 25.17
C PRO B 28 1.56 14.20 25.26
N ARG B 29 1.95 14.90 26.32
CA ARG B 29 3.36 15.23 26.53
C ARG B 29 4.20 13.97 26.68
N GLU B 30 3.68 12.95 27.37
CA GLU B 30 4.43 11.73 27.58
C GLU B 30 4.60 10.93 26.29
N LEU B 31 3.60 10.95 25.41
CA LEU B 31 3.69 10.20 24.18
C LEU B 31 4.66 10.86 23.20
N ALA B 32 4.66 12.20 23.15
CA ALA B 32 5.59 12.91 22.27
C ALA B 32 7.04 12.70 22.69
N GLU B 33 7.28 12.55 24.00
CA GLU B 33 8.64 12.27 24.46
C GLU B 33 9.07 10.87 24.07
N ALA B 34 8.16 9.89 24.17
CA ALA B 34 8.50 8.53 23.75
C ALA B 34 8.76 8.46 22.26
N VAL B 35 8.02 9.22 21.47
CA VAL B 35 8.24 9.26 20.03
C VAL B 35 9.60 9.89 19.72
N ALA B 36 9.93 10.98 20.40
CA ALA B 36 11.19 11.68 20.12
C ALA B 36 12.39 10.83 20.53
N GLY B 37 12.31 10.15 21.67
CA GLY B 37 13.40 9.31 22.14
C GLY B 37 13.33 7.87 21.73
N GLY B 38 12.25 7.45 21.07
CA GLY B 38 12.11 6.06 20.69
C GLY B 38 12.88 5.73 19.42
N ARG B 39 13.50 4.56 19.42
CA ARG B 39 14.25 4.05 18.28
C ARG B 39 13.44 2.94 17.63
N VAL B 40 13.13 3.12 16.35
CA VAL B 40 12.29 2.19 15.61
C VAL B 40 13.08 1.63 14.43
N LEU B 41 12.65 0.45 13.98
CA LEU B 41 13.29 -0.25 12.87
C LEU B 41 12.29 -0.43 11.74
N VAL B 42 12.66 0.00 10.53
CA VAL B 42 11.87 -0.21 9.33
C VAL B 42 12.59 -1.22 8.47
N VAL B 43 11.95 -2.36 8.23
CA VAL B 43 12.54 -3.45 7.45
C VAL B 43 11.95 -3.36 6.05
N GLY B 44 12.73 -2.80 5.13
CA GLY B 44 12.28 -2.69 3.74
C GLY B 44 12.20 -1.23 3.32
N ALA B 45 12.87 -0.92 2.21
CA ALA B 45 12.84 0.42 1.65
C ALA B 45 11.79 0.62 0.57
N GLY B 46 11.27 -0.47 -0.01
CA GLY B 46 10.27 -0.39 -1.04
C GLY B 46 8.87 -0.58 -0.51
N GLY B 47 7.92 -0.65 -1.45
CA GLY B 47 6.52 -0.83 -1.07
C GLY B 47 6.01 0.37 -0.30
N ILE B 48 5.46 0.10 0.90
CA ILE B 48 4.97 1.17 1.77
C ILE B 48 6.09 1.93 2.46
N GLY B 49 7.34 1.50 2.30
CA GLY B 49 8.43 2.11 3.05
C GLY B 49 8.57 3.60 2.80
N CYS B 50 8.39 4.03 1.55
CA CYS B 50 8.52 5.45 1.23
CA CYS B 50 8.51 5.45 1.22
C CYS B 50 7.47 6.27 1.98
N GLU B 51 6.20 5.85 1.91
CA GLU B 51 5.15 6.53 2.66
C GLU B 51 5.34 6.39 4.15
N LEU B 52 5.88 5.25 4.61
CA LEU B 52 6.06 5.02 6.04
C LEU B 52 7.16 5.93 6.59
N LEU B 53 8.27 6.08 5.86
CA LEU B 53 9.34 6.95 6.32
C LEU B 53 8.87 8.39 6.44
N LYS B 54 8.03 8.85 5.51
CA LYS B 54 7.49 10.20 5.59
C LYS B 54 6.63 10.36 6.85
N ASN B 55 5.72 9.43 7.09
CA ASN B 55 4.82 9.54 8.23
C ASN B 55 5.59 9.47 9.55
N LEU B 56 6.63 8.64 9.61
CA LEU B 56 7.41 8.54 10.84
C LEU B 56 8.14 9.85 11.14
N VAL B 57 8.75 10.45 10.13
CA VAL B 57 9.49 11.69 10.33
C VAL B 57 8.53 12.84 10.67
N LEU B 58 7.42 12.94 9.93
CA LEU B 58 6.47 14.01 10.18
C LEU B 58 5.78 13.85 11.53
N THR B 59 5.65 12.62 12.03
CA THR B 59 5.05 12.41 13.34
C THR B 59 6.02 12.79 14.46
N GLY B 60 7.32 12.71 14.21
CA GLY B 60 8.30 13.13 15.19
C GLY B 60 9.31 12.07 15.57
N PHE B 61 9.30 10.94 14.86
CA PHE B 61 10.27 9.87 15.11
C PHE B 61 11.64 10.32 14.62
N SER B 62 12.58 10.51 15.55
CA SER B 62 13.91 11.00 15.20
C SER B 62 14.89 9.88 14.92
N HIS B 63 14.87 8.82 15.74
CA HIS B 63 15.83 7.72 15.64
C HIS B 63 15.19 6.58 14.84
N ILE B 64 15.47 6.54 13.54
CA ILE B 64 14.88 5.57 12.63
C ILE B 64 16.01 4.76 12.01
N ASP B 65 15.90 3.44 12.08
CA ASP B 65 16.83 2.53 11.44
C ASP B 65 16.16 1.88 10.23
N LEU B 66 16.85 1.87 9.10
CA LEU B 66 16.32 1.34 7.85
C LEU B 66 17.24 0.25 7.34
N ILE B 67 16.66 -0.90 6.98
CA ILE B 67 17.41 -2.04 6.48
C ILE B 67 16.56 -2.76 5.44
N ASP B 68 17.21 -3.46 4.52
CA ASP B 68 16.50 -4.19 3.47
C ASP B 68 17.11 -5.58 3.29
N LEU B 69 17.05 -6.11 2.07
CA LEU B 69 17.52 -7.46 1.78
C LEU B 69 18.78 -7.50 0.92
N ASP B 70 19.36 -6.36 0.58
CA ASP B 70 20.51 -6.31 -0.30
C ASP B 70 21.80 -6.11 0.49
N THR B 71 22.93 -6.35 -0.18
CA THR B 71 24.25 -6.27 0.44
C THR B 71 25.25 -5.73 -0.57
N ILE B 72 26.14 -4.86 -0.11
CA ILE B 72 27.19 -4.30 -0.93
C ILE B 72 28.54 -4.85 -0.44
N ASP B 73 29.59 -4.53 -1.19
CA ASP B 73 30.95 -4.91 -0.81
C ASP B 73 31.58 -3.87 0.10
N GLY B 89 24.87 6.12 -3.33
CA GLY B 89 24.45 4.89 -3.97
C GLY B 89 24.46 3.69 -3.04
N ARG B 90 24.90 2.56 -3.59
CA ARG B 90 25.12 1.31 -2.84
C ARG B 90 23.74 0.76 -2.46
N SER B 91 23.50 0.45 -1.19
CA SER B 91 22.32 -0.30 -0.78
C SER B 91 21.04 0.53 -0.88
N LYS B 92 19.91 -0.18 -0.90
CA LYS B 92 18.62 0.51 -0.99
C LYS B 92 18.37 1.39 0.23
N ALA B 93 18.75 0.91 1.42
CA ALA B 93 18.54 1.70 2.63
C ALA B 93 19.36 2.99 2.59
N GLN B 94 20.61 2.89 2.13
CA GLN B 94 21.45 4.09 2.05
C GLN B 94 20.94 5.05 0.97
N VAL B 95 20.43 4.51 -0.13
CA VAL B 95 19.86 5.37 -1.17
C VAL B 95 18.59 6.05 -0.66
N ALA B 96 17.76 5.31 0.07
CA ALA B 96 16.55 5.92 0.63
C ALA B 96 16.89 6.97 1.68
N LYS B 97 17.95 6.74 2.46
CA LYS B 97 18.36 7.71 3.45
C LYS B 97 18.77 9.03 2.80
N GLU B 98 19.41 8.97 1.63
CA GLU B 98 19.81 10.19 0.94
C GLU B 98 18.61 11.01 0.51
N SER B 99 17.54 10.35 0.06
CA SER B 99 16.34 11.08 -0.36
C SER B 99 15.57 11.62 0.85
N VAL B 100 15.61 10.93 1.98
CA VAL B 100 14.96 11.42 3.18
C VAL B 100 15.60 12.72 3.65
N LEU B 101 16.93 12.76 3.69
CA LEU B 101 17.64 13.95 4.15
C LEU B 101 17.41 15.15 3.23
N GLN B 102 17.02 14.91 1.98
CA GLN B 102 16.65 16.02 1.11
C GLN B 102 15.32 16.65 1.54
N PHE B 103 14.39 15.83 2.03
CA PHE B 103 13.12 16.36 2.52
C PHE B 103 13.26 16.96 3.91
N TYR B 104 14.12 16.37 4.75
CA TYR B 104 14.30 16.83 6.13
C TYR B 104 15.71 16.51 6.56
N PRO B 105 16.64 17.46 6.44
CA PRO B 105 18.05 17.16 6.74
C PRO B 105 18.32 16.82 8.20
N LYS B 106 17.49 17.28 9.13
CA LYS B 106 17.71 17.03 10.55
C LYS B 106 17.24 15.65 10.99
N ALA B 107 16.89 14.77 10.06
CA ALA B 107 16.47 13.42 10.41
C ALA B 107 17.68 12.54 10.72
N ASN B 108 17.54 11.69 11.73
CA ASN B 108 18.62 10.79 12.16
C ASN B 108 18.30 9.39 11.66
N ILE B 109 18.61 9.15 10.39
CA ILE B 109 18.37 7.85 9.75
C ILE B 109 19.66 7.04 9.82
N VAL B 110 19.55 5.81 10.31
CA VAL B 110 20.66 4.86 10.31
C VAL B 110 20.36 3.81 9.25
N ALA B 111 21.12 3.83 8.17
CA ALA B 111 20.94 2.90 7.06
C ALA B 111 21.99 1.81 7.11
N TYR B 112 21.55 0.58 6.86
CA TYR B 112 22.43 -0.58 6.83
C TYR B 112 22.61 -1.06 5.40
N HIS B 113 23.84 -1.44 5.06
CA HIS B 113 24.15 -1.94 3.73
C HIS B 113 24.30 -3.45 3.70
N ASP B 114 23.85 -4.15 4.74
CA ASP B 114 23.82 -5.60 4.77
C ASP B 114 22.37 -6.07 4.90
N SER B 115 22.12 -7.27 4.41
CA SER B 115 20.77 -7.83 4.47
C SER B 115 20.36 -8.11 5.90
N ILE B 116 19.06 -7.96 6.17
CA ILE B 116 18.51 -8.29 7.48
C ILE B 116 18.67 -9.78 7.78
N MET B 117 18.83 -10.60 6.74
CA MET B 117 19.07 -12.03 6.92
C MET B 117 20.47 -12.33 7.41
N ASN B 118 21.35 -11.34 7.48
CA ASN B 118 22.71 -11.57 7.94
C ASN B 118 22.70 -11.95 9.42
N PRO B 119 23.50 -12.94 9.82
CA PRO B 119 23.48 -13.38 11.24
C PRO B 119 23.92 -12.31 12.21
N ASP B 120 24.54 -11.21 11.75
CA ASP B 120 24.95 -10.16 12.67
C ASP B 120 23.75 -9.49 13.34
N TYR B 121 22.60 -9.52 12.69
CA TYR B 121 21.39 -8.89 13.24
C TYR B 121 20.67 -9.94 14.10
N ASN B 122 21.23 -10.17 15.28
CA ASN B 122 20.75 -11.19 16.19
C ASN B 122 19.69 -10.60 17.13
N VAL B 123 19.32 -11.37 18.15
CA VAL B 123 18.28 -10.92 19.09
C VAL B 123 18.72 -9.65 19.80
N GLU B 124 19.99 -9.55 20.16
CA GLU B 124 20.51 -8.34 20.81
C GLU B 124 20.32 -7.12 19.92
N PHE B 125 20.46 -7.30 18.60
CA PHE B 125 20.23 -6.21 17.67
C PHE B 125 18.76 -5.76 17.70
N PHE B 126 17.84 -6.72 17.68
CA PHE B 126 16.42 -6.39 17.66
C PHE B 126 15.95 -5.80 18.99
N ARG B 127 16.61 -6.14 20.10
CA ARG B 127 16.20 -5.61 21.39
C ARG B 127 16.49 -4.12 21.55
N GLN B 128 17.24 -3.51 20.63
CA GLN B 128 17.51 -2.08 20.71
C GLN B 128 16.26 -1.24 20.43
N PHE B 129 15.28 -1.80 19.73
CA PHE B 129 14.14 -1.03 19.25
C PHE B 129 12.91 -1.31 20.10
N ILE B 130 12.09 -0.27 20.27
CA ILE B 130 10.79 -0.42 20.91
C ILE B 130 9.69 -0.77 19.91
N LEU B 131 10.01 -0.80 18.62
CA LEU B 131 9.01 -1.04 17.59
C LEU B 131 9.71 -1.42 16.30
N VAL B 132 9.18 -2.45 15.63
CA VAL B 132 9.67 -2.89 14.32
C VAL B 132 8.50 -2.87 13.35
N MET B 133 8.69 -2.23 12.21
CA MET B 133 7.68 -2.14 11.16
C MET B 133 8.20 -2.80 9.90
N ASN B 134 7.39 -3.70 9.33
CA ASN B 134 7.78 -4.46 8.15
C ASN B 134 7.25 -3.79 6.90
N ALA B 135 8.11 -3.64 5.89
CA ALA B 135 7.71 -3.13 4.58
C ALA B 135 8.05 -4.12 3.47
N LEU B 136 8.54 -5.30 3.80
CA LEU B 136 8.89 -6.31 2.82
C LEU B 136 7.64 -7.09 2.39
N ASP B 137 7.78 -7.82 1.29
CA ASP B 137 6.79 -8.79 0.86
C ASP B 137 7.35 -10.20 0.72
N ASN B 138 8.66 -10.37 0.81
CA ASN B 138 9.27 -11.70 0.75
C ASN B 138 8.88 -12.51 1.99
N ARG B 139 8.22 -13.65 1.76
CA ARG B 139 7.68 -14.42 2.88
C ARG B 139 8.79 -14.95 3.79
N ALA B 140 9.86 -15.48 3.19
CA ALA B 140 10.93 -16.07 3.99
C ALA B 140 11.56 -15.04 4.92
N ALA B 141 11.76 -13.81 4.44
CA ALA B 141 12.33 -12.77 5.29
C ALA B 141 11.33 -12.30 6.34
N ARG B 142 10.04 -12.23 5.97
CA ARG B 142 9.03 -11.83 6.95
C ARG B 142 8.87 -12.89 8.03
N ASN B 143 8.98 -14.17 7.66
CA ASN B 143 8.98 -15.22 8.67
C ASN B 143 10.17 -15.08 9.61
N HIS B 144 11.34 -14.73 9.07
CA HIS B 144 12.53 -14.55 9.89
C HIS B 144 12.36 -13.38 10.86
N VAL B 145 11.94 -12.23 10.33
CA VAL B 145 11.76 -11.05 11.18
C VAL B 145 10.70 -11.32 12.25
N ASN B 146 9.65 -12.07 11.89
CA ASN B 146 8.63 -12.44 12.88
C ASN B 146 9.25 -13.21 14.04
N ARG B 147 10.13 -14.17 13.73
CA ARG B 147 10.75 -14.96 14.79
C ARG B 147 11.76 -14.15 15.58
N MET B 148 12.49 -13.24 14.92
CA MET B 148 13.44 -12.40 15.62
C MET B 148 12.73 -11.47 16.59
N CYS B 149 11.59 -10.90 16.18
CA CYS B 149 10.85 -10.01 17.08
C CYS B 149 10.20 -10.78 18.21
N LEU B 150 9.75 -12.01 17.96
CA LEU B 150 9.25 -12.85 19.06
C LEU B 150 10.34 -13.14 20.07
N ALA B 151 11.55 -13.47 19.59
CA ALA B 151 12.64 -13.78 20.50
C ALA B 151 13.09 -12.55 21.27
N ALA B 152 13.06 -11.38 20.63
CA ALA B 152 13.45 -10.14 21.29
C ALA B 152 12.32 -9.52 22.09
N ASP B 153 11.10 -10.06 22.00
CA ASP B 153 9.93 -9.52 22.67
C ASP B 153 9.73 -8.04 22.30
N VAL B 154 9.87 -7.76 21.02
CA VAL B 154 9.69 -6.41 20.47
C VAL B 154 8.44 -6.42 19.61
N PRO B 155 7.51 -5.47 19.79
CA PRO B 155 6.30 -5.46 18.98
C PRO B 155 6.63 -5.29 17.50
N LEU B 156 5.94 -6.08 16.66
CA LEU B 156 6.14 -6.08 15.23
C LEU B 156 4.82 -5.72 14.55
N ILE B 157 4.84 -4.67 13.74
CA ILE B 157 3.66 -4.24 12.99
C ILE B 157 3.77 -4.80 11.58
N GLU B 158 2.83 -5.65 11.21
CA GLU B 158 2.77 -6.25 9.88
C GLU B 158 1.63 -5.63 9.10
N SER B 159 1.73 -5.72 7.77
CA SER B 159 0.74 -5.10 6.90
C SER B 159 0.77 -5.78 5.54
N GLY B 160 -0.24 -5.46 4.72
CA GLY B 160 -0.33 -5.97 3.37
C GLY B 160 -1.23 -5.10 2.54
N THR B 161 -1.01 -5.15 1.22
CA THR B 161 -1.80 -4.38 0.27
C THR B 161 -2.19 -5.27 -0.90
N ALA B 162 -3.36 -4.99 -1.47
CA ALA B 162 -3.85 -5.72 -2.63
C ALA B 162 -4.89 -4.89 -3.37
N GLY B 163 -4.45 -3.95 -4.19
CA GLY B 163 -5.36 -3.05 -4.88
C GLY B 163 -6.00 -2.05 -3.94
N TYR B 164 -7.33 -2.03 -3.88
CA TYR B 164 -8.01 -1.20 -2.91
C TYR B 164 -7.94 -1.77 -1.50
N LEU B 165 -7.62 -3.04 -1.36
CA LEU B 165 -7.65 -3.72 -0.07
C LEU B 165 -6.31 -3.63 0.64
N GLY B 166 -6.36 -3.66 1.97
CA GLY B 166 -5.16 -3.61 2.78
C GLY B 166 -5.50 -3.93 4.21
N GLN B 167 -4.45 -4.19 5.00
CA GLN B 167 -4.66 -4.52 6.40
C GLN B 167 -3.39 -4.22 7.19
N VAL B 168 -3.59 -3.98 8.50
CA VAL B 168 -2.50 -3.73 9.43
C VAL B 168 -2.79 -4.50 10.71
N THR B 169 -1.75 -5.10 11.30
CA THR B 169 -1.92 -5.82 12.55
C THR B 169 -0.64 -5.73 13.36
N THR B 170 -0.75 -6.02 14.65
CA THR B 170 0.34 -5.92 15.60
C THR B 170 0.67 -7.31 16.16
N ILE B 171 1.95 -7.62 16.23
CA ILE B 171 2.43 -8.91 16.74
C ILE B 171 3.19 -8.66 18.02
N LYS B 172 2.75 -9.31 19.10
CA LYS B 172 3.42 -9.23 20.40
C LYS B 172 3.46 -10.61 21.02
N LYS B 173 4.63 -10.99 21.52
CA LYS B 173 4.83 -12.33 22.04
C LYS B 173 3.90 -12.61 23.22
N GLY B 174 3.22 -13.75 23.18
CA GLY B 174 2.37 -14.18 24.27
C GLY B 174 1.04 -13.47 24.37
N VAL B 175 0.79 -12.45 23.56
CA VAL B 175 -0.46 -11.69 23.60
C VAL B 175 -1.28 -11.90 22.34
N THR B 176 -0.67 -11.68 21.17
CA THR B 176 -1.33 -11.84 19.89
C THR B 176 -0.80 -13.07 19.17
N GLU B 177 -1.47 -13.43 18.08
CA GLU B 177 -0.95 -14.47 17.21
C GLU B 177 0.15 -13.89 16.34
N CYS B 178 1.15 -14.71 16.04
CA CYS B 178 2.30 -14.23 15.27
C CYS B 178 1.99 -14.28 13.79
N TYR B 179 2.98 -13.93 12.98
CA TYR B 179 2.80 -13.87 11.53
C TYR B 179 2.59 -15.24 10.90
N GLU B 180 2.99 -16.31 11.59
CA GLU B 180 2.91 -17.66 11.04
C GLU B 180 1.90 -18.54 11.76
N CYS B 181 1.04 -17.96 12.59
CA CYS B 181 -0.01 -18.75 13.24
C CYS B 181 -0.99 -19.32 12.23
N HIS B 182 -1.21 -18.61 11.11
CA HIS B 182 -2.05 -19.09 10.04
C HIS B 182 -1.32 -18.74 8.74
N PRO B 183 -1.20 -19.69 7.80
CA PRO B 183 -0.52 -19.40 6.54
C PRO B 183 -1.25 -18.31 5.76
N LYS B 184 -0.48 -17.56 4.97
CA LYS B 184 -1.02 -16.44 4.22
C LYS B 184 -0.35 -16.37 2.85
N PRO B 185 -1.11 -16.05 1.81
CA PRO B 185 -0.54 -16.03 0.46
C PRO B 185 0.56 -14.98 0.30
N THR B 186 1.42 -15.20 -0.68
CA THR B 186 2.48 -14.25 -0.97
C THR B 186 1.90 -13.03 -1.67
N GLN B 187 2.28 -11.85 -1.20
CA GLN B 187 1.79 -10.59 -1.77
C GLN B 187 2.54 -10.31 -3.07
N ARG B 188 1.82 -10.26 -4.18
CA ARG B 188 2.41 -9.93 -5.47
C ARG B 188 1.70 -8.73 -6.08
N THR B 189 1.80 -7.59 -5.39
CA THR B 189 1.12 -6.36 -5.78
C THR B 189 2.18 -5.31 -6.11
N PHE B 190 2.21 -4.88 -7.36
CA PHE B 190 3.26 -4.01 -7.85
C PHE B 190 2.68 -2.84 -8.64
N PRO B 191 3.35 -1.69 -8.61
CA PRO B 191 2.87 -0.55 -9.40
C PRO B 191 3.05 -0.80 -10.88
N GLY B 192 2.18 -0.16 -11.67
CA GLY B 192 2.27 -0.28 -13.12
C GLY B 192 3.54 0.31 -13.70
N CYS B 193 4.17 1.24 -13.00
CA CYS B 193 5.41 1.84 -13.49
C CYS B 193 6.54 0.81 -13.51
N THR B 194 6.58 -0.07 -12.50
CA THR B 194 7.64 -1.06 -12.43
C THR B 194 7.41 -2.20 -13.43
N ILE B 195 6.17 -2.66 -13.56
CA ILE B 195 5.88 -3.79 -14.43
C ILE B 195 6.12 -3.44 -15.90
N ARG B 196 5.88 -2.19 -16.28
CA ARG B 196 5.91 -1.80 -17.68
C ARG B 196 7.23 -1.15 -18.11
N ASN B 197 7.89 -0.40 -17.22
CA ASN B 197 9.07 0.37 -17.59
C ASN B 197 10.36 -0.23 -17.04
N THR B 198 10.49 -0.34 -15.72
CA THR B 198 11.73 -0.78 -15.08
C THR B 198 11.45 -2.01 -14.22
N PRO B 199 11.29 -3.18 -14.84
CA PRO B 199 11.00 -4.39 -14.05
C PRO B 199 12.25 -5.00 -13.41
N SER B 200 12.42 -4.78 -12.12
CA SER B 200 13.48 -5.48 -11.39
C SER B 200 13.07 -6.93 -11.19
N GLU B 201 13.92 -7.83 -11.68
CA GLU B 201 13.61 -9.26 -11.76
C GLU B 201 13.26 -9.89 -10.41
N PRO B 202 12.58 -11.06 -10.43
CA PRO B 202 12.04 -11.78 -11.59
C PRO B 202 10.52 -11.83 -11.68
N ILE B 203 9.83 -11.58 -10.56
CA ILE B 203 8.38 -11.72 -10.53
C ILE B 203 7.70 -10.65 -11.38
N HIS B 204 8.37 -9.50 -11.56
CA HIS B 204 7.76 -8.40 -12.31
C HIS B 204 7.53 -8.74 -13.77
N CYS B 205 8.27 -9.70 -14.32
CA CYS B 205 8.04 -10.12 -15.69
C CYS B 205 6.89 -11.14 -15.79
N ILE B 206 6.74 -11.98 -14.77
CA ILE B 206 5.61 -12.91 -14.73
C ILE B 206 4.30 -12.12 -14.60
N VAL B 207 4.33 -11.02 -13.84
CA VAL B 207 3.17 -10.13 -13.77
C VAL B 207 2.92 -9.48 -15.14
N TRP B 208 4.00 -9.08 -15.81
CA TRP B 208 3.85 -8.49 -17.15
C TRP B 208 3.30 -9.51 -18.14
N ALA B 209 3.70 -10.77 -18.01
CA ALA B 209 3.16 -11.82 -18.88
C ALA B 209 1.70 -12.09 -18.56
N LYS B 210 1.34 -12.03 -17.28
CA LYS B 210 -0.06 -12.22 -16.90
C LYS B 210 -0.91 -11.02 -17.31
N TYR B 211 -0.35 -9.81 -17.21
CA TYR B 211 -1.05 -8.64 -17.75
C TYR B 211 -1.24 -8.76 -19.25
N LEU B 212 -0.23 -9.31 -19.95
CA LEU B 212 -0.32 -9.48 -21.39
C LEU B 212 -1.44 -10.46 -21.77
N PHE B 213 -1.66 -11.48 -20.95
CA PHE B 213 -2.75 -12.42 -21.21
C PHE B 213 -4.10 -11.74 -21.07
N ASN B 214 -4.24 -10.83 -20.11
CA ASN B 214 -5.52 -10.16 -19.89
C ASN B 214 -5.84 -9.18 -20.99
N GLN B 215 -4.83 -8.51 -21.56
CA GLN B 215 -5.08 -7.52 -22.59
C GLN B 215 -5.46 -8.18 -23.92
N LEU B 216 -4.77 -9.26 -24.28
CA LEU B 216 -5.00 -9.88 -25.59
C LEU B 216 -6.24 -10.75 -25.60
N PHE B 217 -6.30 -11.74 -24.70
CA PHE B 217 -7.34 -12.76 -24.74
C PHE B 217 -8.32 -12.63 -23.57
N GLY B 218 -8.50 -11.42 -23.04
CA GLY B 218 -9.38 -11.26 -21.90
C GLY B 218 -10.02 -9.89 -21.75
N GLU B 219 -10.55 -9.64 -20.55
CA GLU B 219 -11.18 -8.36 -20.25
C GLU B 219 -10.12 -7.26 -20.22
N GLU B 220 -10.08 -6.43 -21.26
CA GLU B 220 -9.06 -5.40 -21.36
C GLU B 220 -9.22 -4.39 -20.24
N ASP B 221 -8.14 -4.13 -19.51
CA ASP B 221 -8.15 -3.27 -18.34
C ASP B 221 -7.00 -2.28 -18.42
N ALA B 222 -7.25 -1.06 -17.93
CA ALA B 222 -6.21 -0.03 -17.91
C ALA B 222 -5.17 -0.25 -16.83
N ASP B 223 -5.51 -0.98 -15.76
CA ASP B 223 -4.54 -1.28 -14.71
C ASP B 223 -3.61 -2.42 -15.09
N GLN B 224 -3.86 -3.12 -16.20
CA GLN B 224 -3.04 -4.24 -16.62
C GLN B 224 -2.41 -4.00 -17.99
N GLU B 225 -2.16 -2.73 -18.32
CA GLU B 225 -1.52 -2.40 -19.59
C GLU B 225 -0.08 -2.88 -19.60
N VAL B 226 0.38 -3.29 -20.78
CA VAL B 226 1.76 -3.77 -20.96
C VAL B 226 2.60 -2.83 -21.80
N SER B 227 2.00 -1.80 -22.41
CA SER B 227 2.74 -0.86 -23.23
C SER B 227 3.70 -0.05 -22.36
N PRO B 228 4.73 0.54 -22.95
CA PRO B 228 5.65 1.39 -22.18
C PRO B 228 4.89 2.55 -21.52
N ASP B 229 5.11 2.68 -20.21
CA ASP B 229 4.40 3.68 -19.40
C ASP B 229 5.11 5.02 -19.52
N ARG B 230 4.66 5.84 -20.47
CA ARG B 230 5.21 7.18 -20.63
C ARG B 230 4.62 8.18 -19.65
N ALA B 231 3.75 7.74 -18.75
CA ALA B 231 3.25 8.57 -17.66
C ALA B 231 4.03 8.36 -16.37
N ASP B 232 5.04 7.50 -16.39
CA ASP B 232 5.86 7.24 -15.21
C ASP B 232 6.61 8.51 -14.81
N PRO B 233 6.41 9.03 -13.60
CA PRO B 233 7.10 10.27 -13.20
C PRO B 233 8.61 10.16 -13.23
N GLU B 234 9.17 8.96 -13.03
CA GLU B 234 10.61 8.79 -13.11
C GLU B 234 11.12 8.93 -14.54
N ALA B 235 10.27 8.62 -15.52
CA ALA B 235 10.71 8.64 -16.92
C ALA B 235 10.92 10.06 -17.42
N ALA B 236 10.11 11.03 -16.96
CA ALA B 236 10.13 12.39 -17.47
C ALA B 236 9.99 12.40 -18.99
N TRP B 237 8.94 11.71 -19.46
CA TRP B 237 8.77 11.50 -20.89
C TRP B 237 8.42 12.80 -21.60
N GLU B 238 9.31 13.24 -22.48
CA GLU B 238 9.03 14.39 -23.33
C GLU B 238 8.65 13.90 -24.72
N PRO B 239 7.57 14.42 -25.31
CA PRO B 239 7.20 13.97 -26.66
C PRO B 239 8.19 14.44 -27.71
N THR B 240 8.27 13.67 -28.80
CA THR B 240 9.16 14.00 -29.89
C THR B 240 8.51 15.08 -30.77
N GLU B 241 9.15 15.38 -31.90
CA GLU B 241 8.59 16.38 -32.80
C GLU B 241 7.36 15.86 -33.52
N ALA B 242 7.42 14.64 -34.04
CA ALA B 242 6.27 14.05 -34.72
C ALA B 242 5.11 13.79 -33.76
N GLU B 243 5.39 13.63 -32.46
CA GLU B 243 4.35 13.43 -31.47
C GLU B 243 3.69 14.77 -31.16
N ALA B 244 2.64 15.08 -31.95
CA ALA B 244 1.89 16.32 -31.80
C ALA B 244 0.65 16.28 -32.69
N ILE B 258 -2.74 2.52 -31.07
CA ILE B 258 -1.93 2.79 -29.90
C ILE B 258 -2.04 1.64 -28.90
N SER B 259 -3.24 1.10 -28.77
CA SER B 259 -3.50 0.04 -27.81
C SER B 259 -2.78 -1.25 -28.22
N THR B 260 -2.55 -2.11 -27.21
CA THR B 260 -1.88 -3.38 -27.47
C THR B 260 -2.82 -4.40 -28.07
N LYS B 261 -4.08 -4.44 -27.61
CA LYS B 261 -5.04 -5.38 -28.15
C LYS B 261 -5.50 -4.98 -29.55
N GLU B 262 -5.60 -3.67 -29.81
CA GLU B 262 -6.07 -3.22 -31.11
C GLU B 262 -5.06 -3.52 -32.21
N TRP B 263 -3.77 -3.39 -31.90
CA TRP B 263 -2.75 -3.71 -32.90
C TRP B 263 -2.70 -5.20 -33.20
N ALA B 264 -3.16 -6.05 -32.28
CA ALA B 264 -3.29 -7.47 -32.55
C ALA B 264 -4.64 -7.84 -33.14
N LYS B 265 -5.64 -6.98 -33.00
CA LYS B 265 -6.96 -7.25 -33.57
C LYS B 265 -6.93 -7.11 -35.08
N SER B 266 -6.43 -5.99 -35.59
CA SER B 266 -6.36 -5.79 -37.04
C SER B 266 -5.33 -6.71 -37.68
N THR B 267 -4.26 -7.04 -36.96
CA THR B 267 -3.27 -7.97 -37.46
C THR B 267 -3.73 -9.42 -37.40
N GLY B 268 -4.88 -9.68 -36.79
CA GLY B 268 -5.37 -11.04 -36.67
C GLY B 268 -4.60 -11.88 -35.67
N TYR B 269 -4.04 -11.26 -34.64
CA TYR B 269 -3.26 -11.96 -33.62
C TYR B 269 -2.12 -12.76 -34.24
N ASP B 270 -1.35 -12.08 -35.09
CA ASP B 270 -0.22 -12.71 -35.76
C ASP B 270 0.90 -12.96 -34.76
N PRO B 271 1.31 -14.22 -34.55
CA PRO B 271 2.36 -14.48 -33.55
C PRO B 271 3.70 -13.84 -33.88
N VAL B 272 4.08 -13.81 -35.16
CA VAL B 272 5.36 -13.21 -35.52
C VAL B 272 5.28 -11.69 -35.44
N LYS B 273 4.11 -11.12 -35.70
CA LYS B 273 3.94 -9.67 -35.53
C LYS B 273 3.86 -9.29 -34.06
N LEU B 274 3.33 -10.18 -33.22
CA LEU B 274 3.26 -9.88 -31.79
C LEU B 274 4.62 -10.02 -31.11
N PHE B 275 5.52 -10.85 -31.65
CA PHE B 275 6.89 -10.83 -31.17
C PHE B 275 7.56 -9.51 -31.51
N THR B 276 7.29 -9.00 -32.71
CA THR B 276 7.61 -7.62 -33.04
C THR B 276 6.72 -6.68 -32.22
N LYS B 277 7.07 -5.39 -32.23
CA LYS B 277 6.33 -4.35 -31.54
C LYS B 277 6.36 -4.52 -30.02
N LEU B 278 6.16 -5.74 -29.54
CA LEU B 278 6.09 -6.01 -28.11
C LEU B 278 7.43 -6.34 -27.49
N PHE B 279 8.35 -6.95 -28.24
CA PHE B 279 9.65 -7.34 -27.71
C PHE B 279 10.82 -6.61 -28.36
N LYS B 280 10.57 -5.71 -29.33
CA LYS B 280 11.68 -5.00 -29.96
C LYS B 280 11.35 -3.52 -30.16
N ASP B 281 10.10 -3.20 -30.51
CA ASP B 281 9.74 -1.81 -30.72
C ASP B 281 9.37 -1.12 -29.42
N ASP B 282 8.67 -1.82 -28.52
CA ASP B 282 8.42 -1.27 -27.20
C ASP B 282 9.70 -1.16 -26.38
N ILE B 283 10.63 -2.09 -26.58
CA ILE B 283 11.91 -2.02 -25.87
C ILE B 283 12.74 -0.86 -26.38
N ARG B 284 12.76 -0.65 -27.71
CA ARG B 284 13.46 0.49 -28.26
C ARG B 284 12.77 1.81 -27.94
N TYR B 285 11.48 1.77 -27.58
CA TYR B 285 10.82 2.97 -27.10
C TYR B 285 11.14 3.24 -25.63
N LEU B 286 11.40 2.19 -24.85
CA LEU B 286 11.87 2.38 -23.48
C LEU B 286 13.24 3.05 -23.47
N LEU B 287 14.06 2.82 -24.50
CA LEU B 287 15.37 3.45 -24.58
C LEU B 287 15.29 4.93 -24.91
N THR B 288 14.17 5.39 -25.48
CA THR B 288 14.01 6.82 -25.73
C THR B 288 13.78 7.60 -24.46
N MET B 289 13.28 6.96 -23.40
CA MET B 289 13.15 7.59 -22.09
C MET B 289 14.48 7.42 -21.37
N ASP B 290 15.34 8.43 -21.52
CA ASP B 290 16.73 8.31 -21.08
C ASP B 290 16.85 8.30 -19.56
N LYS B 291 15.95 8.99 -18.85
CA LYS B 291 16.08 9.10 -17.40
C LYS B 291 15.90 7.77 -16.69
N LEU B 292 15.37 6.75 -17.38
CA LEU B 292 15.17 5.45 -16.75
C LEU B 292 16.44 4.61 -16.69
N TRP B 293 17.47 4.97 -17.48
CA TRP B 293 18.66 4.14 -17.62
C TRP B 293 19.90 4.98 -17.30
N ARG B 294 19.98 5.46 -16.06
CA ARG B 294 21.14 6.19 -15.56
C ARG B 294 21.95 5.39 -14.55
N LYS B 295 21.30 4.68 -13.65
CA LYS B 295 21.97 3.81 -12.69
C LYS B 295 21.70 2.34 -12.90
N ARG B 296 20.56 1.99 -13.49
CA ARG B 296 20.24 0.61 -13.82
C ARG B 296 20.57 0.33 -15.29
N LYS B 297 20.89 -0.92 -15.58
CA LYS B 297 21.30 -1.28 -16.92
C LYS B 297 20.10 -1.27 -17.87
N PRO B 298 20.27 -0.75 -19.09
CA PRO B 298 19.14 -0.69 -20.03
C PRO B 298 18.89 -2.05 -20.68
N PRO B 299 17.67 -2.29 -21.16
CA PRO B 299 17.38 -3.56 -21.82
C PRO B 299 17.85 -3.58 -23.27
N VAL B 300 17.89 -4.78 -23.83
CA VAL B 300 18.29 -5.01 -25.21
C VAL B 300 17.12 -5.69 -25.92
N PRO B 301 16.70 -5.22 -27.09
CA PRO B 301 15.57 -5.85 -27.78
C PRO B 301 15.93 -7.23 -28.31
N LEU B 302 14.88 -7.97 -28.69
CA LEU B 302 15.02 -9.29 -29.26
C LEU B 302 14.46 -9.30 -30.68
N ASP B 303 15.20 -9.91 -31.60
CA ASP B 303 14.81 -10.00 -33.00
C ASP B 303 14.38 -11.43 -33.29
N TRP B 304 13.24 -11.58 -33.98
CA TRP B 304 12.73 -12.91 -34.28
C TRP B 304 13.57 -13.61 -35.35
N ALA B 305 14.05 -12.85 -36.34
CA ALA B 305 14.84 -13.44 -37.42
C ALA B 305 16.24 -13.84 -36.99
N GLU B 306 16.65 -13.52 -35.77
CA GLU B 306 17.99 -13.85 -35.27
C GLU B 306 17.97 -14.86 -34.13
N VAL B 307 17.06 -14.71 -33.17
CA VAL B 307 17.01 -15.65 -32.05
C VAL B 307 16.45 -17.00 -32.48
N GLN B 308 15.71 -17.04 -33.59
CA GLN B 308 15.14 -18.30 -34.07
C GLN B 308 16.07 -19.01 -35.05
N SER B 309 16.89 -18.28 -35.79
CA SER B 309 17.79 -18.90 -36.75
C SER B 309 18.96 -19.60 -36.07
N GLN B 310 19.43 -19.07 -34.94
CA GLN B 310 20.53 -19.69 -34.22
C GLN B 310 20.02 -20.59 -33.11
N LEU B 333 14.86 -24.84 -18.78
CA LEU B 333 14.63 -23.64 -19.57
C LEU B 333 15.65 -23.52 -20.70
N ASP B 334 15.16 -23.22 -21.91
CA ASP B 334 15.99 -23.01 -23.07
C ASP B 334 15.68 -21.64 -23.65
N VAL B 335 16.71 -20.97 -24.17
CA VAL B 335 16.61 -19.59 -24.60
C VAL B 335 15.77 -19.47 -25.87
N LYS B 336 16.28 -20.01 -26.99
CA LYS B 336 15.62 -19.81 -28.27
C LYS B 336 14.32 -20.60 -28.41
N SER B 337 14.05 -21.55 -27.51
CA SER B 337 12.82 -22.32 -27.62
C SER B 337 11.62 -21.61 -27.01
N TYR B 338 11.85 -20.76 -25.99
CA TYR B 338 10.75 -20.01 -25.41
C TYR B 338 10.15 -19.02 -26.40
N ALA B 339 10.95 -18.57 -27.37
CA ALA B 339 10.39 -17.77 -28.45
C ALA B 339 9.51 -18.62 -29.37
N ARG B 340 9.86 -19.89 -29.55
CA ARG B 340 9.01 -20.80 -30.32
C ARG B 340 7.74 -21.13 -29.55
N LEU B 341 7.84 -21.29 -28.23
CA LEU B 341 6.65 -21.55 -27.43
C LEU B 341 5.73 -20.34 -27.37
N PHE B 342 6.30 -19.13 -27.48
CA PHE B 342 5.49 -17.93 -27.48
C PHE B 342 4.54 -17.88 -28.67
N SER B 343 5.03 -18.30 -29.84
CA SER B 343 4.19 -18.31 -31.04
C SER B 343 3.27 -19.52 -31.10
N LYS B 344 3.55 -20.57 -30.33
CA LYS B 344 2.70 -21.75 -30.33
C LYS B 344 1.46 -21.58 -29.48
N SER B 345 1.60 -20.91 -28.33
CA SER B 345 0.47 -20.72 -27.43
C SER B 345 -0.51 -19.65 -27.92
N ILE B 346 -0.05 -18.71 -28.77
CA ILE B 346 -0.95 -17.69 -29.29
C ILE B 346 -1.91 -18.30 -30.31
N GLU B 347 -1.40 -19.18 -31.17
CA GLU B 347 -2.27 -19.83 -32.15
C GLU B 347 -3.32 -20.70 -31.49
N THR B 348 -2.99 -21.33 -30.37
CA THR B 348 -3.95 -22.19 -29.68
C THR B 348 -5.00 -21.36 -28.96
N LEU B 349 -4.60 -20.23 -28.38
CA LEU B 349 -5.53 -19.41 -27.61
C LEU B 349 -6.47 -18.60 -28.52
N ARG B 350 -6.03 -18.28 -29.74
CA ARG B 350 -6.89 -17.51 -30.63
C ARG B 350 -8.00 -18.37 -31.21
N VAL B 351 -7.86 -19.69 -31.18
CA VAL B 351 -8.95 -20.56 -31.64
C VAL B 351 -10.00 -20.72 -30.56
N HIS B 352 -9.59 -20.77 -29.29
CA HIS B 352 -10.51 -20.85 -28.17
C HIS B 352 -11.31 -19.56 -28.03
N LEU B 362 -12.26 -14.43 -21.89
CA LEU B 362 -11.65 -15.62 -21.31
C LEU B 362 -11.01 -15.29 -19.95
N ILE B 363 -11.12 -16.24 -19.01
CA ILE B 363 -10.60 -16.06 -17.66
C ILE B 363 -9.32 -16.87 -17.52
N TRP B 364 -8.31 -16.25 -16.90
CA TRP B 364 -7.02 -16.91 -16.73
C TRP B 364 -7.12 -18.05 -15.73
N ASP B 365 -6.55 -19.20 -16.08
CA ASP B 365 -6.55 -20.38 -15.23
C ASP B 365 -5.13 -20.90 -15.11
N LYS B 366 -4.66 -21.06 -13.88
CA LYS B 366 -3.30 -21.51 -13.64
C LYS B 366 -3.11 -23.00 -13.92
N ASP B 367 -4.21 -23.76 -14.11
CA ASP B 367 -4.13 -25.17 -14.46
C ASP B 367 -4.45 -25.42 -15.93
N ASP B 368 -4.44 -24.36 -16.77
CA ASP B 368 -4.69 -24.45 -18.20
C ASP B 368 -3.38 -24.66 -18.95
N PRO B 369 -3.35 -25.58 -19.92
CA PRO B 369 -2.09 -25.87 -20.63
C PRO B 369 -1.60 -24.72 -21.50
N SER B 370 -2.47 -24.17 -22.34
CA SER B 370 -2.08 -23.10 -23.25
C SER B 370 -1.93 -21.76 -22.53
N ALA B 371 -2.62 -21.54 -21.42
CA ALA B 371 -2.49 -20.28 -20.69
C ALA B 371 -1.17 -20.19 -19.93
N MET B 372 -0.80 -21.27 -19.23
CA MET B 372 0.46 -21.25 -18.49
C MET B 372 1.66 -21.26 -19.43
N ASP B 373 1.53 -21.90 -20.60
CA ASP B 373 2.61 -21.87 -21.58
C ASP B 373 2.79 -20.46 -22.15
N PHE B 374 1.70 -19.71 -22.30
CA PHE B 374 1.81 -18.34 -22.80
C PHE B 374 2.48 -17.45 -21.77
N VAL B 375 2.16 -17.64 -20.48
CA VAL B 375 2.78 -16.83 -19.44
C VAL B 375 4.24 -17.21 -19.27
N THR B 376 4.55 -18.50 -19.30
CA THR B 376 5.92 -18.95 -19.12
C THR B 376 6.82 -18.45 -20.25
N SER B 377 6.31 -18.46 -21.48
CA SER B 377 7.11 -18.01 -22.61
C SER B 377 7.26 -16.49 -22.63
N ALA B 378 6.16 -15.77 -22.38
CA ALA B 378 6.21 -14.32 -22.43
C ALA B 378 7.03 -13.73 -21.28
N ALA B 379 6.98 -14.37 -20.11
CA ALA B 379 7.74 -13.86 -18.97
C ALA B 379 9.23 -14.10 -19.15
N ASN B 380 9.61 -15.32 -19.57
CA ASN B 380 11.02 -15.63 -19.76
C ASN B 380 11.63 -14.84 -20.89
N LEU B 381 10.84 -14.46 -21.90
CA LEU B 381 11.36 -13.60 -22.96
C LEU B 381 11.69 -12.21 -22.43
N ARG B 382 10.86 -11.68 -21.53
CA ARG B 382 11.14 -10.38 -20.93
C ARG B 382 12.25 -10.46 -19.89
N MET B 383 12.35 -11.59 -19.19
CA MET B 383 13.43 -11.75 -18.21
C MET B 383 14.80 -11.73 -18.88
N HIS B 384 14.88 -12.21 -20.12
CA HIS B 384 16.14 -12.17 -20.85
C HIS B 384 16.41 -10.79 -21.45
N ILE B 385 15.35 -10.07 -21.82
CA ILE B 385 15.52 -8.73 -22.39
C ILE B 385 16.14 -7.79 -21.36
N PHE B 386 15.70 -7.91 -20.10
CA PHE B 386 16.23 -7.08 -19.02
C PHE B 386 17.39 -7.73 -18.29
N SER B 387 18.07 -8.70 -18.92
CA SER B 387 19.33 -9.26 -18.44
C SER B 387 19.22 -9.90 -17.06
N MET B 388 18.85 -11.18 -17.03
CA MET B 388 18.80 -11.95 -15.79
C MET B 388 18.56 -13.42 -16.16
N ASN B 389 18.93 -14.30 -15.23
CA ASN B 389 18.70 -15.73 -15.43
C ASN B 389 17.21 -16.02 -15.47
N MET B 390 16.79 -16.78 -16.48
CA MET B 390 15.39 -17.14 -16.61
C MET B 390 15.01 -18.22 -15.60
N LYS B 391 13.72 -18.55 -15.56
CA LYS B 391 13.19 -19.51 -14.62
C LYS B 391 12.42 -20.59 -15.37
N SER B 392 12.26 -21.74 -14.72
CA SER B 392 11.58 -22.87 -15.32
C SER B 392 10.07 -22.66 -15.35
N ARG B 393 9.37 -23.58 -15.99
CA ARG B 393 7.91 -23.48 -16.06
C ARG B 393 7.26 -23.81 -14.72
N PHE B 394 7.86 -24.73 -13.95
CA PHE B 394 7.29 -25.08 -12.66
C PHE B 394 7.38 -23.92 -11.67
N ASP B 395 8.39 -23.06 -11.80
CA ASP B 395 8.53 -21.91 -10.93
C ASP B 395 7.57 -20.79 -11.32
N ILE B 396 7.27 -20.64 -12.61
CA ILE B 396 6.30 -19.65 -13.04
C ILE B 396 4.90 -20.05 -12.59
N LYS B 397 4.59 -21.35 -12.63
CA LYS B 397 3.28 -21.83 -12.21
C LYS B 397 3.09 -21.65 -10.71
N SER B 398 4.15 -21.88 -9.92
CA SER B 398 4.05 -21.72 -8.47
C SER B 398 3.76 -20.27 -8.10
N MET B 399 4.34 -19.33 -8.82
CA MET B 399 4.04 -17.91 -8.63
C MET B 399 2.79 -17.54 -9.42
N ALA B 400 2.60 -16.24 -9.67
CA ALA B 400 1.47 -15.75 -10.44
C ALA B 400 0.13 -16.20 -9.85
N GLY B 401 0.05 -16.21 -8.53
CA GLY B 401 -1.17 -16.61 -7.85
C GLY B 401 -2.06 -15.44 -7.49
N ASN B 402 -1.56 -14.54 -6.65
CA ASN B 402 -2.30 -13.36 -6.21
C ASN B 402 -1.71 -12.13 -6.87
N ILE B 403 -1.95 -12.00 -8.18
CA ILE B 403 -1.45 -10.88 -8.96
C ILE B 403 -2.53 -9.80 -8.95
N ILE B 404 -2.34 -8.77 -8.14
CA ILE B 404 -3.27 -7.67 -8.00
C ILE B 404 -2.53 -6.38 -8.33
N PRO B 405 -3.02 -5.56 -9.26
CA PRO B 405 -2.34 -4.29 -9.54
C PRO B 405 -2.44 -3.34 -8.35
N ALA B 406 -1.38 -2.57 -8.14
CA ALA B 406 -1.28 -1.72 -6.97
C ALA B 406 -2.07 -0.43 -7.16
N ILE B 407 -2.41 0.20 -6.03
CA ILE B 407 -3.03 1.51 -5.99
C ILE B 407 -2.25 2.35 -4.99
N ALA B 408 -1.67 3.46 -5.46
CA ALA B 408 -0.71 4.21 -4.65
C ALA B 408 -1.35 4.75 -3.38
N THR B 409 -2.63 5.15 -3.44
CA THR B 409 -3.28 5.69 -2.25
C THR B 409 -3.44 4.64 -1.17
N THR B 410 -3.52 3.36 -1.54
CA THR B 410 -3.63 2.29 -0.54
C THR B 410 -2.38 2.24 0.33
N ASN B 411 -1.20 2.43 -0.27
CA ASN B 411 0.02 2.48 0.53
C ASN B 411 -0.01 3.66 1.50
N ALA B 412 -0.52 4.81 1.05
CA ALA B 412 -0.57 5.99 1.91
C ALA B 412 -1.52 5.78 3.08
N VAL B 413 -2.65 5.10 2.85
CA VAL B 413 -3.59 4.84 3.92
C VAL B 413 -2.99 3.84 4.91
N ILE B 414 -2.40 2.76 4.39
CA ILE B 414 -1.82 1.73 5.26
C ILE B 414 -0.68 2.31 6.09
N ALA B 415 0.20 3.10 5.46
CA ALA B 415 1.33 3.68 6.18
C ALA B 415 0.86 4.60 7.30
N GLY B 416 -0.24 5.33 7.09
CA GLY B 416 -0.78 6.15 8.14
C GLY B 416 -1.34 5.33 9.30
N LEU B 417 -2.01 4.22 8.98
CA LEU B 417 -2.52 3.34 10.04
C LEU B 417 -1.38 2.69 10.82
N ILE B 418 -0.28 2.38 10.14
CA ILE B 418 0.86 1.73 10.80
C ILE B 418 1.40 2.62 11.91
N VAL B 419 1.60 3.90 11.61
CA VAL B 419 2.13 4.83 12.61
C VAL B 419 1.11 5.05 13.72
N LEU B 420 -0.19 5.06 13.38
CA LEU B 420 -1.23 5.19 14.40
C LEU B 420 -1.18 4.01 15.37
N GLU B 421 -1.00 2.79 14.84
CA GLU B 421 -0.84 1.63 15.72
C GLU B 421 0.45 1.73 16.53
N GLY B 422 1.50 2.32 15.97
CA GLY B 422 2.73 2.51 16.71
C GLY B 422 2.58 3.47 17.87
N LEU B 423 1.75 4.51 17.70
CA LEU B 423 1.53 5.46 18.79
C LEU B 423 0.83 4.78 19.97
N LYS B 424 -0.08 3.85 19.69
CA LYS B 424 -0.71 3.09 20.77
C LYS B 424 0.31 2.23 21.50
N ILE B 425 1.25 1.64 20.77
CA ILE B 425 2.26 0.80 21.39
C ILE B 425 3.18 1.63 22.27
N LEU B 426 3.62 2.78 21.77
CA LEU B 426 4.47 3.67 22.55
C LEU B 426 3.73 4.28 23.73
N SER B 427 2.39 4.29 23.69
CA SER B 427 1.60 4.79 24.81
C SER B 427 1.41 3.75 25.91
N GLY B 428 1.99 2.57 25.76
CA GLY B 428 1.74 1.50 26.70
C GLY B 428 0.34 0.92 26.64
N LYS B 429 -0.42 1.23 25.60
CA LYS B 429 -1.79 0.75 25.47
C LYS B 429 -1.89 -0.25 24.34
N ILE B 430 -1.16 -1.36 24.45
CA ILE B 430 -1.21 -2.41 23.44
C ILE B 430 -2.60 -3.03 23.36
N ASP B 431 -3.38 -2.93 24.43
CA ASP B 431 -4.75 -3.45 24.41
C ASP B 431 -5.65 -2.69 23.46
N GLN B 432 -5.32 -1.43 23.15
CA GLN B 432 -6.09 -0.65 22.20
C GLN B 432 -5.69 -0.93 20.75
N CYS B 433 -4.71 -1.79 20.51
CA CYS B 433 -4.32 -2.13 19.15
C CYS B 433 -5.37 -3.05 18.53
N ARG B 434 -5.54 -2.90 17.22
CA ARG B 434 -6.54 -3.66 16.48
C ARG B 434 -5.93 -4.16 15.18
N THR B 435 -6.55 -5.19 14.61
CA THR B 435 -6.33 -5.54 13.22
C THR B 435 -7.32 -4.73 12.38
N ILE B 436 -6.80 -3.88 11.51
CA ILE B 436 -7.62 -2.95 10.73
C ILE B 436 -7.64 -3.43 9.29
N PHE B 437 -8.83 -3.58 8.73
CA PHE B 437 -9.00 -3.99 7.34
C PHE B 437 -9.46 -2.79 6.52
N LEU B 438 -8.76 -2.54 5.41
CA LEU B 438 -9.15 -1.51 4.46
C LEU B 438 -9.94 -2.17 3.34
N ASN B 439 -11.22 -1.85 3.24
CA ASN B 439 -12.10 -2.41 2.22
C ASN B 439 -12.24 -1.44 1.05
N LYS B 440 -12.71 -1.98 -0.08
CA LYS B 440 -12.97 -1.15 -1.24
C LYS B 440 -14.27 -0.36 -1.08
N GLN B 441 -15.30 -0.99 -0.55
CA GLN B 441 -16.60 -0.38 -0.33
C GLN B 441 -17.07 -0.67 1.08
N PRO B 442 -17.97 0.15 1.62
CA PRO B 442 -18.43 -0.06 3.00
C PRO B 442 -19.09 -1.42 3.18
N ASN B 443 -18.87 -2.01 4.34
CA ASN B 443 -19.47 -3.30 4.69
C ASN B 443 -20.93 -3.07 5.06
N PRO B 444 -21.71 -4.13 5.34
CA PRO B 444 -23.12 -3.94 5.73
C PRO B 444 -23.35 -2.97 6.88
N ARG B 445 -22.31 -2.63 7.64
CA ARG B 445 -22.43 -1.70 8.75
C ARG B 445 -21.75 -0.36 8.46
N LYS B 446 -21.62 -0.01 7.18
CA LYS B 446 -21.10 1.28 6.72
C LYS B 446 -19.64 1.49 7.03
N LYS B 447 -18.89 0.44 7.36
CA LYS B 447 -17.48 0.57 7.73
C LYS B 447 -16.61 0.30 6.52
N LEU B 448 -15.85 1.32 6.09
CA LEU B 448 -14.85 1.14 5.06
C LEU B 448 -13.53 0.66 5.65
N LEU B 449 -13.13 1.24 6.79
CA LEU B 449 -12.03 0.74 7.60
C LEU B 449 -12.62 0.00 8.79
N VAL B 450 -12.37 -1.31 8.85
CA VAL B 450 -13.01 -2.18 9.83
C VAL B 450 -11.96 -2.62 10.83
N PRO B 451 -12.04 -2.17 12.09
CA PRO B 451 -11.16 -2.70 13.13
C PRO B 451 -11.75 -3.93 13.80
N CYS B 452 -10.87 -4.76 14.34
CA CYS B 452 -11.27 -5.94 15.07
C CYS B 452 -10.22 -6.26 16.12
N ALA B 453 -10.65 -6.94 17.19
CA ALA B 453 -9.75 -7.27 18.27
C ALA B 453 -8.66 -8.23 17.81
N LEU B 454 -7.46 -8.05 18.36
CA LEU B 454 -6.36 -8.95 18.06
C LEU B 454 -6.65 -10.35 18.59
N ASP B 455 -6.32 -11.36 17.80
CA ASP B 455 -6.59 -12.74 18.19
C ASP B 455 -5.48 -13.27 19.09
N PRO B 456 -5.81 -14.15 20.02
CA PRO B 456 -4.79 -14.75 20.88
C PRO B 456 -3.87 -15.66 20.09
N PRO B 457 -2.73 -16.06 20.65
CA PRO B 457 -1.83 -16.96 19.92
C PRO B 457 -2.52 -18.28 19.58
N ASN B 458 -2.28 -18.75 18.36
CA ASN B 458 -2.81 -20.04 17.93
C ASN B 458 -2.08 -21.16 18.67
N PRO B 459 -2.76 -21.97 19.47
CA PRO B 459 -2.06 -23.05 20.19
C PRO B 459 -1.40 -24.08 19.27
N ASN B 460 -1.85 -24.18 18.03
CA ASN B 460 -1.30 -25.14 17.07
C ASN B 460 -0.27 -24.52 16.14
N CYS B 461 0.13 -23.28 16.40
CA CYS B 461 1.18 -22.65 15.60
C CYS B 461 2.51 -23.35 15.85
N TYR B 462 3.22 -23.68 14.79
CA TYR B 462 4.48 -24.41 14.89
C TYR B 462 5.68 -23.49 15.12
N VAL B 463 5.43 -22.20 15.39
CA VAL B 463 6.50 -21.21 15.54
C VAL B 463 6.48 -20.57 16.92
N CYS B 464 5.34 -20.03 17.33
CA CYS B 464 5.26 -19.27 18.58
C CYS B 464 4.71 -20.08 19.76
N ALA B 465 4.27 -21.32 19.52
CA ALA B 465 3.78 -22.12 20.63
C ALA B 465 4.95 -22.69 21.44
N SER B 466 4.64 -23.10 22.67
CA SER B 466 5.63 -23.69 23.54
C SER B 466 5.91 -25.12 23.13
N LYS B 467 7.19 -25.43 22.90
CA LYS B 467 7.63 -26.74 22.42
C LYS B 467 6.87 -27.15 21.15
N PRO B 468 7.02 -26.41 20.06
CA PRO B 468 6.25 -26.73 18.85
C PRO B 468 6.72 -28.03 18.20
N GLU B 469 5.78 -28.74 17.60
CA GLU B 469 6.06 -29.99 16.92
C GLU B 469 5.32 -30.04 15.60
N VAL B 470 5.93 -30.71 14.62
CA VAL B 470 5.31 -30.97 13.34
C VAL B 470 5.57 -32.43 12.97
N THR B 471 4.81 -32.92 12.00
CA THR B 471 4.96 -34.27 11.47
C THR B 471 5.20 -34.19 9.97
N VAL B 472 6.28 -34.83 9.52
CA VAL B 472 6.69 -34.80 8.12
C VAL B 472 6.66 -36.22 7.57
N ARG B 473 5.99 -36.39 6.44
CA ARG B 473 5.87 -37.69 5.79
C ARG B 473 6.85 -37.74 4.61
N LEU B 474 7.76 -38.72 4.64
CA LEU B 474 8.76 -38.86 3.59
C LEU B 474 9.25 -40.29 3.54
N ASN B 475 10.11 -40.56 2.56
CA ASN B 475 10.77 -41.85 2.40
C ASN B 475 12.17 -41.74 2.98
N VAL B 476 12.38 -42.37 4.14
CA VAL B 476 13.66 -42.27 4.82
C VAL B 476 14.79 -42.88 4.03
N HIS B 477 14.49 -43.79 3.09
CA HIS B 477 15.52 -44.42 2.28
C HIS B 477 15.90 -43.60 1.04
N LYS B 478 15.08 -42.62 0.66
CA LYS B 478 15.36 -41.80 -0.51
C LYS B 478 15.74 -40.36 -0.19
N VAL B 479 15.25 -39.82 0.92
CA VAL B 479 15.53 -38.43 1.27
C VAL B 479 16.93 -38.33 1.86
N THR B 480 17.74 -37.43 1.32
CA THR B 480 19.09 -37.20 1.81
C THR B 480 19.08 -36.15 2.91
N VAL B 481 20.20 -36.10 3.64
CA VAL B 481 20.37 -35.07 4.67
C VAL B 481 20.34 -33.69 4.04
N LEU B 482 20.89 -33.55 2.84
CA LEU B 482 20.91 -32.26 2.16
C LEU B 482 19.48 -31.80 1.85
N THR B 483 18.63 -32.70 1.37
CA THR B 483 17.24 -32.35 1.12
C THR B 483 16.53 -31.95 2.40
N LEU B 484 16.80 -32.67 3.50
CA LEU B 484 16.26 -32.29 4.79
C LEU B 484 16.72 -30.89 5.18
N GLN B 485 17.98 -30.56 4.91
CA GLN B 485 18.52 -29.27 5.31
C GLN B 485 17.94 -28.14 4.48
N ASP B 486 18.01 -28.26 3.16
CA ASP B 486 17.70 -27.11 2.30
C ASP B 486 16.21 -27.00 2.01
N LYS B 487 15.56 -28.11 1.66
CA LYS B 487 14.18 -28.05 1.22
C LYS B 487 13.16 -28.12 2.36
N ILE B 488 13.49 -28.81 3.45
CA ILE B 488 12.53 -29.01 4.52
C ILE B 488 12.76 -27.99 5.64
N VAL B 489 13.95 -28.00 6.22
CA VAL B 489 14.20 -27.16 7.39
C VAL B 489 14.41 -25.70 6.99
N LYS B 490 15.17 -25.45 5.92
CA LYS B 490 15.45 -24.07 5.54
C LYS B 490 14.34 -23.47 4.69
N GLU B 491 13.84 -24.21 3.69
CA GLU B 491 12.81 -23.67 2.81
C GLU B 491 11.43 -23.74 3.47
N LYS B 492 10.97 -24.94 3.81
CA LYS B 492 9.60 -25.10 4.28
C LYS B 492 9.41 -24.47 5.66
N PHE B 493 10.34 -24.69 6.57
CA PHE B 493 10.22 -24.20 7.94
C PHE B 493 10.98 -22.90 8.18
N ALA B 494 11.55 -22.30 7.12
CA ALA B 494 12.04 -20.92 7.15
C ALA B 494 13.16 -20.70 8.16
N MET B 495 13.98 -21.71 8.41
CA MET B 495 15.15 -21.55 9.27
C MET B 495 16.33 -21.04 8.47
N VAL B 496 17.07 -20.11 9.06
CA VAL B 496 18.21 -19.51 8.37
C VAL B 496 19.48 -20.33 8.56
N ALA B 497 19.84 -20.63 9.81
CA ALA B 497 21.04 -21.39 10.13
C ALA B 497 20.65 -22.54 11.06
N PRO B 498 20.22 -23.67 10.51
CA PRO B 498 19.68 -24.75 11.34
C PRO B 498 20.73 -25.68 11.92
N ASP B 499 20.41 -26.19 13.10
CA ASP B 499 21.14 -27.29 13.73
C ASP B 499 20.13 -28.40 14.01
N VAL B 500 20.35 -29.58 13.43
CA VAL B 500 19.41 -30.69 13.51
C VAL B 500 20.12 -31.88 14.12
N GLN B 501 19.54 -32.41 15.20
CA GLN B 501 20.04 -33.63 15.83
C GLN B 501 18.90 -34.63 15.99
N ILE B 502 19.26 -35.89 16.20
CA ILE B 502 18.30 -36.97 16.35
C ILE B 502 18.07 -37.21 17.83
N GLU B 503 16.80 -37.32 18.23
CA GLU B 503 16.44 -37.67 19.61
C GLU B 503 16.52 -39.20 19.74
N ASP B 504 17.75 -39.70 19.89
CA ASP B 504 18.00 -41.12 20.06
C ASP B 504 18.75 -41.42 21.35
N GLY B 505 18.86 -40.46 22.25
CA GLY B 505 19.63 -40.61 23.48
C GLY B 505 21.08 -40.21 23.33
N LYS B 506 21.71 -40.57 22.23
CA LYS B 506 23.10 -40.21 21.97
C LYS B 506 23.26 -38.80 21.43
N GLY B 507 22.17 -38.13 21.06
CA GLY B 507 22.28 -36.81 20.47
C GLY B 507 23.01 -36.79 19.15
N THR B 508 22.70 -37.75 18.27
CA THR B 508 23.38 -37.85 16.98
C THR B 508 23.16 -36.58 16.17
N ILE B 509 24.25 -36.02 15.66
CA ILE B 509 24.22 -34.77 14.92
C ILE B 509 24.05 -35.07 13.45
N LEU B 510 23.00 -34.51 12.83
CA LEU B 510 22.77 -34.58 11.40
C LEU B 510 23.30 -33.35 10.67
N ILE B 511 22.89 -32.17 11.11
CA ILE B 511 23.17 -30.92 10.40
C ILE B 511 23.73 -29.92 11.42
N SER B 512 24.79 -29.23 11.03
CA SER B 512 25.41 -28.22 11.87
C SER B 512 25.44 -26.89 11.14
N SER B 513 25.08 -25.82 11.86
CA SER B 513 25.13 -24.47 11.29
C SER B 513 26.54 -23.98 11.09
N GLU B 514 27.54 -24.63 11.68
CA GLU B 514 28.93 -24.26 11.51
C GLU B 514 29.48 -24.96 10.27
N GLU B 515 29.86 -24.18 9.27
CA GLU B 515 30.38 -24.77 8.03
C GLU B 515 31.70 -25.48 8.30
N GLY B 516 31.84 -26.67 7.72
CA GLY B 516 33.00 -27.50 7.96
C GLY B 516 32.79 -28.63 8.94
N GLU B 517 31.54 -28.96 9.28
CA GLU B 517 31.25 -30.01 10.25
C GLU B 517 30.48 -31.17 9.65
N THR B 518 29.31 -30.92 9.05
CA THR B 518 28.42 -31.99 8.63
C THR B 518 28.21 -32.02 7.11
N GLU B 519 29.12 -31.42 6.33
CA GLU B 519 28.99 -31.47 4.88
C GLU B 519 29.08 -32.89 4.36
N ALA B 520 29.86 -33.75 5.04
CA ALA B 520 30.01 -35.14 4.62
C ALA B 520 28.75 -35.97 4.85
N ASN B 521 27.74 -35.42 5.52
CA ASN B 521 26.48 -36.13 5.70
C ASN B 521 25.46 -35.82 4.61
N ASN B 522 25.68 -34.76 3.83
CA ASN B 522 24.63 -34.24 2.95
C ASN B 522 24.17 -35.28 1.94
N HIS B 523 25.09 -36.11 1.45
CA HIS B 523 24.73 -37.10 0.43
C HIS B 523 24.11 -38.35 1.00
N LYS B 524 24.17 -38.56 2.31
CA LYS B 524 23.67 -39.78 2.92
C LYS B 524 22.16 -39.74 3.09
N LYS B 525 21.54 -40.91 2.94
CA LYS B 525 20.11 -41.04 3.19
C LYS B 525 19.84 -40.97 4.69
N LEU B 526 18.62 -40.53 5.04
CA LEU B 526 18.26 -40.42 6.45
C LEU B 526 18.32 -41.77 7.15
N SER B 527 18.02 -42.86 6.43
CA SER B 527 18.03 -44.18 7.04
C SER B 527 19.43 -44.63 7.44
N GLU B 528 20.47 -44.01 6.88
CA GLU B 528 21.84 -44.37 7.25
C GLU B 528 22.18 -43.92 8.66
N PHE B 529 21.38 -43.03 9.24
CA PHE B 529 21.56 -42.60 10.63
C PHE B 529 20.57 -43.26 11.57
N GLY B 530 19.86 -44.30 11.13
CA GLY B 530 18.87 -44.95 11.95
C GLY B 530 17.50 -44.29 11.95
N ILE B 531 17.31 -43.23 11.18
CA ILE B 531 16.02 -42.55 11.13
C ILE B 531 14.99 -43.47 10.48
N ARG B 532 13.93 -43.80 11.20
CA ARG B 532 12.88 -44.67 10.71
C ARG B 532 11.54 -44.06 11.08
N ASN B 533 10.47 -44.79 10.76
CA ASN B 533 9.11 -44.34 11.10
C ASN B 533 9.00 -44.08 12.60
N GLY B 534 8.62 -42.86 12.96
CA GLY B 534 8.49 -42.46 14.34
C GLY B 534 9.68 -41.71 14.90
N SER B 535 10.77 -41.61 14.15
CA SER B 535 11.95 -40.91 14.63
C SER B 535 11.65 -39.43 14.83
N ARG B 536 12.29 -38.85 15.84
CA ARG B 536 12.10 -37.45 16.19
C ARG B 536 13.41 -36.69 15.99
N LEU B 537 13.34 -35.59 15.24
CA LEU B 537 14.48 -34.72 14.99
C LEU B 537 14.27 -33.40 15.70
N GLN B 538 15.29 -32.92 16.40
CA GLN B 538 15.24 -31.63 17.08
C GLN B 538 16.01 -30.61 16.23
N ALA B 539 15.28 -29.70 15.59
CA ALA B 539 15.87 -28.66 14.76
C ALA B 539 15.96 -27.38 15.56
N ASP B 540 17.18 -26.88 15.74
CA ASP B 540 17.43 -25.63 16.46
C ASP B 540 17.95 -24.58 15.49
N ASP B 541 17.38 -23.38 15.56
CA ASP B 541 17.90 -22.21 14.87
C ASP B 541 18.23 -21.18 15.95
N PHE B 542 19.50 -21.13 16.36
CA PHE B 542 19.88 -20.31 17.50
C PHE B 542 19.86 -18.83 17.19
N LEU B 543 19.97 -18.44 15.93
CA LEU B 543 19.80 -17.03 15.57
C LEU B 543 18.36 -16.58 15.82
N GLN B 544 17.39 -17.42 15.48
CA GLN B 544 15.98 -17.11 15.68
C GLN B 544 15.48 -17.47 17.07
N ASP B 545 16.30 -18.12 17.89
CA ASP B 545 15.89 -18.62 19.20
C ASP B 545 14.64 -19.48 19.06
N TYR B 546 14.75 -20.51 18.22
CA TYR B 546 13.61 -21.29 17.77
C TYR B 546 14.00 -22.77 17.75
N THR B 547 13.17 -23.60 18.36
CA THR B 547 13.39 -25.04 18.43
C THR B 547 12.14 -25.75 17.94
N LEU B 548 12.31 -26.65 16.96
CA LEU B 548 11.19 -27.34 16.34
C LEU B 548 11.44 -28.84 16.39
N LEU B 549 10.49 -29.58 16.96
CA LEU B 549 10.53 -31.04 16.97
C LEU B 549 9.83 -31.56 15.73
N ILE B 550 10.50 -32.44 14.99
CA ILE B 550 10.00 -32.96 13.72
C ILE B 550 9.81 -34.46 13.87
N ASN B 551 8.55 -34.90 13.80
CA ASN B 551 8.22 -36.32 13.80
C ASN B 551 8.27 -36.84 12.37
N ILE B 552 8.95 -37.97 12.17
CA ILE B 552 9.13 -38.57 10.85
C ILE B 552 8.11 -39.69 10.67
N LEU B 553 7.34 -39.60 9.59
CA LEU B 553 6.43 -40.67 9.18
C LEU B 553 6.95 -41.25 7.87
N HIS B 554 7.45 -42.48 7.94
CA HIS B 554 7.96 -43.13 6.74
C HIS B 554 6.81 -43.59 5.85
N SER B 555 6.86 -43.22 4.58
CA SER B 555 5.84 -43.61 3.61
C SER B 555 6.49 -43.78 2.25
N GLU B 556 6.23 -44.92 1.61
CA GLU B 556 6.75 -45.20 0.29
C GLU B 556 5.75 -44.90 -0.82
N ASP B 557 4.66 -44.19 -0.49
CA ASP B 557 3.68 -43.77 -1.49
C ASP B 557 4.07 -42.42 -2.07
N LEU B 558 3.29 -41.39 -1.76
CA LEU B 558 3.57 -40.01 -2.16
C LEU B 558 3.64 -39.87 -3.68
N GLY B 559 4.63 -40.50 -4.30
CA GLY B 559 4.82 -40.41 -5.74
C GLY B 559 6.25 -40.00 -6.09
N LYS B 560 6.68 -40.33 -7.30
CA LYS B 560 8.06 -40.01 -7.71
C LYS B 560 8.27 -38.53 -8.01
N ASP B 561 7.32 -37.66 -7.65
CA ASP B 561 7.48 -36.23 -7.79
C ASP B 561 7.42 -35.49 -6.45
N VAL B 562 6.98 -36.14 -5.38
CA VAL B 562 6.87 -35.53 -4.07
C VAL B 562 7.91 -36.17 -3.15
N GLU B 563 8.79 -35.34 -2.60
CA GLU B 563 9.83 -35.84 -1.70
C GLU B 563 9.36 -35.85 -0.25
N PHE B 564 8.47 -34.96 0.14
CA PHE B 564 7.97 -34.89 1.50
C PHE B 564 6.68 -34.08 1.50
N GLU B 565 5.98 -34.14 2.63
CA GLU B 565 4.79 -33.32 2.83
C GLU B 565 4.52 -33.20 4.32
N VAL B 566 4.05 -32.03 4.74
CA VAL B 566 3.76 -31.76 6.15
C VAL B 566 2.32 -32.17 6.44
N VAL B 567 2.14 -32.93 7.51
CA VAL B 567 0.82 -33.41 7.90
C VAL B 567 0.03 -32.25 8.52
N GLY B 568 -1.22 -32.09 8.09
CA GLY B 568 -2.08 -31.04 8.60
C GLY B 568 -1.81 -29.69 7.98
C1 GOL C . -15.07 10.01 21.36
O1 GOL C . -16.48 10.12 21.35
C2 GOL C . -14.51 10.77 20.18
O2 GOL C . -15.46 11.71 19.72
C3 GOL C . -13.24 11.50 20.61
O3 GOL C . -12.86 12.42 19.61
C1 GOL D . -8.07 31.22 2.67
O1 GOL D . -8.09 31.78 1.38
C2 GOL D . -7.62 29.76 2.56
O2 GOL D . -7.00 29.54 1.33
C3 GOL D . -6.63 29.46 3.69
O3 GOL D . -6.19 28.12 3.58
ZN ZN E . 2.33 -18.21 15.97
MG MG F . 18.89 -11.53 11.23
S SO4 G . 0.50 5.54 -21.27
O1 SO4 G . 1.46 4.75 -22.03
O2 SO4 G . -0.72 4.77 -21.06
O3 SO4 G . 1.09 5.90 -19.98
O4 SO4 G . 0.20 6.76 -22.01
S SO4 H . 2.01 -18.66 -2.89
O1 SO4 H . 1.63 -18.85 -4.29
O2 SO4 H . 1.67 -19.86 -2.13
O3 SO4 H . 3.46 -18.44 -2.81
O4 SO4 H . 1.31 -17.50 -2.35
S SO4 I . 25.37 6.02 5.22
O1 SO4 I . 24.97 5.69 3.86
O2 SO4 I . 24.59 5.24 6.17
O3 SO4 I . 26.79 5.73 5.40
O4 SO4 I . 25.13 7.44 5.46
S SO4 J . -13.65 -7.44 6.72
O1 SO4 J . -12.51 -6.99 5.93
O2 SO4 J . -14.21 -8.65 6.11
O3 SO4 J . -13.21 -7.74 8.08
O4 SO4 J . -14.67 -6.39 6.75
C13 FHJ K . 7.38 11.64 -1.82
C15 FHJ K . 5.80 9.93 -1.27
C20 FHJ K . 10.73 8.56 -0.82
C21 FHJ K . 11.11 8.97 0.63
C22 FHJ K . 12.62 9.28 0.74
C28 FHJ K . 10.57 10.32 -4.07
C01 FHJ K . 10.17 11.25 3.41
C02 FHJ K . 10.73 11.63 4.67
C03 FHJ K . 10.45 12.87 5.24
C04 FHJ K . 9.62 13.82 4.62
C05 FHJ K . 9.07 13.45 3.37
C06 FHJ K . 9.33 12.21 2.79
C07 FHJ K . 9.35 15.14 5.23
C08 FHJ K . 10.43 9.94 2.78
C09 FHJ K . 10.14 9.94 1.27
C11 FHJ K . 7.90 10.05 -0.04
C12 FHJ K . 8.26 11.17 -0.84
C14 FHJ K . 6.16 11.02 -2.05
C16 FHJ K . 6.67 9.45 -0.27
C18 FHJ K . 12.06 7.09 0.45
C19 FHJ K . 11.45 7.22 -0.94
C23 FHJ K . 13.19 8.10 0.60
C25 FHJ K . 11.05 9.64 -1.85
C29 FHJ K . 12.52 7.01 -2.00
C32 FHJ K . 13.36 7.95 -3.97
N10 FHJ K . 8.76 9.51 0.99
O24 FHJ K . 11.07 7.69 1.26
O26 FHJ K . 11.88 10.53 -1.73
O27 FHJ K . 10.30 9.47 -2.96
O30 FHJ K . 13.54 6.40 -1.80
O31 FHJ K . 12.25 7.49 -3.21
#